data_6PB0
#
_entry.id   6PB0
#
_cell.length_a   1.00
_cell.length_b   1.00
_cell.length_c   1.00
_cell.angle_alpha   90.00
_cell.angle_beta   90.00
_cell.angle_gamma   90.00
#
_symmetry.space_group_name_H-M   'P 1'
#
loop_
_entity.id
_entity.type
_entity.pdbx_description
1 polymer 'Corticotropin-releasing factor receptor 1'
2 polymer Urocortin
3 polymer 'Guanine nucleotide-binding protein G(s) subunit alpha isoforms short,Guanine nucleotide-binding protein G(i) subunit alpha-1,Guanine nucleotide-binding protein G(s) subunit alpha isoforms short'
4 polymer 'Guanine nucleotide-binding protein G(I)/G(S)/G(T) subunit beta-1'
5 polymer 'Guanine nucleotide-binding protein G(I)/G(S)/G(O) subunit gamma-2'
6 polymer 'Nanobody 35'
7 non-polymer CHOLESTEROL
8 non-polymer 'PALMITIC ACID'
#
loop_
_entity_poly.entity_id
_entity_poly.type
_entity_poly.pdbx_seq_one_letter_code
_entity_poly.pdbx_strand_id
1 'polypeptide(L)'
;SLQDQHCESLSLASNISGLQCNASVDLIGTCWPRSPAGQLVVRPCPAFFYGVRYNTTNNGYRECLANGSWAARVNYSECQ
EILNEEKKSKVHYHVAVIINYLGHCISLVALLVAFVLFLRLRSIRCLRNIIHWNLISAFILRNATWFVVQLTMSPEVHQS
NVGWCRLVTAAYNYFHVTNFFWMFGEGCYLHTAIVLTYSTDRLRKWMFICIGWGVPFPIIVAWAIGKLYYDNEKCWFGKR
PGVYTDYIYQGPMILVLLINFIFLFNIVRILMTKLRASTTSETIQYRKAVKATLVLLPLLGITYMLFFVNPGEDEVSRVV
FIYFNSFLESFQGFFVSVFYCFLNSEVRSAIRKRWHRWQDKHSIRARVARAMSIP
;
R
2 'polypeptide(L)' DNPSLSIDLTFHLLRTLLELARTQSQRERAEQNRIIFDSV U
3 'polypeptide(L)'
;MGCLGNSKTEDQRNEEKAQREANKKIEKQLQKDKQVYRATHRLLLLGAGESGKSTIVKQMRILHVNGYSEEECKQYKAVV
YSNTIQSIIAIIRAMGRLKIDFGDSARADDARQLFVLAGAAEEGFMTAELAGVIKRLWKDSGVQACFNRSREYQLNDSAA
YYLNDLDRIAQPNYIPTQQDVLRTRVKTTGIFETKFQVDKVNFHMFDVGAQRDERRKWIQCFNDVTAIIFVVASSSYNMV
IREDNQTNRLQEALNLFKSIWNNRWLRTISVILFLNKQDLLAEKVLAGKSKIEDYFPEFARYTTPEDATPEPGEDPRVTR
AKYFIRDEFLRISTASGDGRHYCYPHFTCSVDTENIRRVFNDCRDIIQRMHLRQYELL
;
A
4 'polypeptide(L)'
;MGSLLQSELDQLRQEAEQLKNQIRDARKACADATLSQITNNIDPVGRIQMRTRRTLRGHLAKIYAMHWGTDSRLLVSASQ
DGKLIIWDSYTTNKVHAIPLRSSWVMTCAYAPSGNYVACGGLDNICSIYNLKTREGNVRVSRELAGHTGYLSCCRFLDDN
QIVTSSGDTTCALWDIETGQQTTTFTGHTGDVMSLSLAPDTRLFVSGACDASAKLWDVREGMCRQTFTGHESDINAICFF
PNGNAFATGSDDATCRLFDLRADQELMTYSHDNIICGITSVSFSKSGRLLLAGYDDFNCNVWDALKADRAGVLAGHDNRV
SCLGVTDDGMAVATGSWDSFLKIWN
;
B
5 'polypeptide(L)' MASNNTASIAQARKLVEQLKMEANIDRIKVSKAAADLMAYCEAHAKEDPLLTPVPASENPFREKKFFCAIL G
6 'polypeptide(L)'
;MAQVQLQESGGGLVQPGGSLRLSCAASGFTFSNYKMNWVRQAPGKGLEWVSDISQSGASISYTGSVKGRFTISRDNAKNT
LYLQMNSLKPEDTAVYYCARCPAPFTRDCFDVTSTTYAYRGQGTQVTVSSHHHHHHEPEA
;
N
#
loop_
_chem_comp.id
_chem_comp.type
_chem_comp.name
_chem_comp.formula
CLR non-polymer CHOLESTEROL 'C27 H46 O'
PLM non-polymer 'PALMITIC ACID' 'C16 H32 O2'
#
# COMPACT_ATOMS: atom_id res chain seq x y z
N LEU A 83 31.23 62.14 25.74
CA LEU A 83 31.65 60.75 25.82
C LEU A 83 31.10 59.93 24.66
N ASN A 84 29.79 59.98 24.47
CA ASN A 84 29.15 59.19 23.43
C ASN A 84 27.92 59.94 22.92
N GLU A 85 27.55 59.63 21.67
CA GLU A 85 26.41 60.25 21.01
C GLU A 85 25.47 59.15 20.51
N GLU A 86 24.17 59.38 20.67
CA GLU A 86 23.18 58.40 20.25
C GLU A 86 23.03 58.41 18.73
N LYS A 87 22.55 57.29 18.20
CA LYS A 87 22.35 57.11 16.77
C LYS A 87 20.89 57.28 16.41
N LYS A 88 20.63 57.46 15.12
CA LYS A 88 19.28 57.66 14.61
C LYS A 88 18.57 56.34 14.32
N SER A 89 19.28 55.22 14.39
CA SER A 89 18.70 53.90 14.16
C SER A 89 18.06 53.31 15.41
N LYS A 90 18.12 54.03 16.54
CA LYS A 90 17.59 53.55 17.81
C LYS A 90 16.09 53.28 17.73
N VAL A 91 15.36 54.16 17.03
CA VAL A 91 13.92 54.00 16.84
C VAL A 91 13.62 52.74 16.02
N HIS A 92 14.57 52.31 15.20
CA HIS A 92 14.38 51.03 14.51
C HIS A 92 14.65 49.86 15.44
N TYR A 93 15.69 49.98 16.29
CA TYR A 93 16.32 48.81 16.92
C TYR A 93 15.36 48.07 17.84
N HIS A 94 14.71 48.79 18.75
CA HIS A 94 13.74 48.20 19.66
C HIS A 94 12.58 47.56 18.92
N VAL A 95 12.18 48.16 17.79
CA VAL A 95 11.10 47.59 16.96
C VAL A 95 11.53 46.24 16.41
N ALA A 96 12.82 46.11 16.03
CA ALA A 96 13.35 44.83 15.59
C ALA A 96 13.31 43.82 16.72
N VAL A 97 13.54 44.26 17.95
CA VAL A 97 13.45 43.38 19.12
C VAL A 97 12.01 42.90 19.29
N ILE A 98 11.04 43.77 18.97
CA ILE A 98 9.63 43.39 19.02
C ILE A 98 9.35 42.29 18.02
N ILE A 99 10.01 42.33 16.86
CA ILE A 99 9.91 41.26 15.87
C ILE A 99 10.45 39.96 16.44
N ASN A 100 11.56 40.04 17.17
CA ASN A 100 12.11 38.87 17.85
C ASN A 100 11.21 38.40 18.99
N TYR A 101 10.36 39.28 19.53
CA TYR A 101 9.37 38.79 20.48
C TYR A 101 8.13 38.26 19.81
N LEU A 102 7.90 38.55 18.54
CA LEU A 102 6.67 38.08 17.90
C LEU A 102 6.85 36.64 17.39
N GLY A 103 7.71 36.47 16.39
CA GLY A 103 7.70 35.23 15.62
C GLY A 103 8.21 34.03 16.37
N HIS A 104 9.24 34.23 17.22
CA HIS A 104 9.70 33.21 18.15
C HIS A 104 8.56 32.64 18.98
N CYS A 105 7.68 33.51 19.48
CA CYS A 105 6.50 33.05 20.22
C CYS A 105 5.61 32.18 19.34
N ILE A 106 5.30 32.63 18.11
CA ILE A 106 4.44 31.81 17.29
C ILE A 106 5.22 30.63 16.74
N SER A 107 6.56 30.70 16.77
CA SER A 107 7.38 29.53 16.43
C SER A 107 7.10 28.39 17.41
N LEU A 108 6.95 28.73 18.70
CA LEU A 108 6.54 27.72 19.68
C LEU A 108 5.15 27.21 19.37
N VAL A 109 4.26 28.10 18.91
CA VAL A 109 2.89 27.74 18.54
C VAL A 109 2.91 26.81 17.32
N ALA A 110 4.00 26.81 16.54
CA ALA A 110 4.20 25.68 15.63
C ALA A 110 4.83 24.51 16.36
N LEU A 111 6.01 24.72 16.94
CA LEU A 111 7.00 23.64 17.10
C LEU A 111 6.56 22.61 18.12
N LEU A 112 6.16 23.08 19.31
CA LEU A 112 5.65 22.20 20.36
C LEU A 112 4.45 21.41 19.87
N VAL A 113 3.58 22.05 19.09
CA VAL A 113 2.42 21.36 18.52
C VAL A 113 2.88 20.26 17.59
N ALA A 114 3.90 20.56 16.76
CA ALA A 114 4.49 19.55 15.89
C ALA A 114 5.13 18.43 16.71
N PHE A 115 5.70 18.79 17.88
CA PHE A 115 6.27 17.81 18.80
C PHE A 115 5.20 16.82 19.24
N VAL A 116 3.99 17.33 19.52
CA VAL A 116 2.88 16.50 19.95
C VAL A 116 2.48 15.54 18.83
N LEU A 117 2.60 15.98 17.57
CA LEU A 117 2.32 15.10 16.44
C LEU A 117 3.28 13.92 16.41
N PHE A 118 4.56 14.17 16.67
CA PHE A 118 5.50 13.06 16.71
C PHE A 118 5.40 12.25 17.99
N LEU A 119 4.57 12.67 18.94
CA LEU A 119 4.25 11.84 20.08
C LEU A 119 2.98 11.02 19.85
N ARG A 120 2.18 11.37 18.84
CA ARG A 120 0.92 10.66 18.61
C ARG A 120 0.99 9.66 17.47
N LEU A 121 1.43 10.09 16.30
CA LEU A 121 1.43 9.23 15.11
C LEU A 121 2.62 8.29 15.18
N ARG A 122 2.35 7.01 15.44
CA ARG A 122 3.38 5.99 15.57
C ARG A 122 3.54 5.13 14.31
N SER A 123 2.74 5.38 13.27
CA SER A 123 2.90 4.68 12.00
C SER A 123 3.76 5.45 11.01
N ILE A 124 4.44 6.50 11.47
CA ILE A 124 5.22 7.37 10.59
C ILE A 124 6.65 7.39 11.13
N ARG A 125 7.09 6.27 11.70
CA ARG A 125 8.36 6.19 12.43
C ARG A 125 9.54 5.83 11.54
N CYS A 126 9.54 6.26 10.28
CA CYS A 126 10.71 6.12 9.44
C CYS A 126 11.83 7.06 9.91
N LEU A 127 13.01 6.89 9.30
CA LEU A 127 14.20 7.63 9.75
C LEU A 127 14.09 9.13 9.45
N ARG A 128 13.43 9.48 8.35
CA ARG A 128 13.28 10.89 7.95
C ARG A 128 12.49 11.69 8.98
N ASN A 129 11.41 11.09 9.49
CA ASN A 129 10.62 11.75 10.53
C ASN A 129 11.37 11.81 11.85
N ILE A 130 12.27 10.86 12.10
CA ILE A 130 13.10 10.90 13.31
C ILE A 130 14.10 12.06 13.23
N ILE A 131 14.70 12.27 12.05
CA ILE A 131 15.63 13.39 11.89
C ILE A 131 14.89 14.72 11.97
N HIS A 132 13.69 14.80 11.39
CA HIS A 132 12.89 16.01 11.49
C HIS A 132 12.44 16.27 12.93
N TRP A 133 12.10 15.22 13.67
CA TRP A 133 11.68 15.38 15.06
C TRP A 133 12.84 15.81 15.95
N ASN A 134 14.05 15.31 15.69
CA ASN A 134 15.22 15.78 16.43
C ASN A 134 15.54 17.22 16.08
N LEU A 135 15.33 17.62 14.82
CA LEU A 135 15.54 19.02 14.44
C LEU A 135 14.52 19.95 15.10
N ILE A 136 13.26 19.50 15.21
CA ILE A 136 12.23 20.28 15.89
C ILE A 136 12.55 20.39 17.37
N SER A 137 13.08 19.32 17.98
CA SER A 137 13.49 19.39 19.38
C SER A 137 14.66 20.36 19.59
N ALA A 138 15.59 20.39 18.63
CA ALA A 138 16.70 21.34 18.70
C ALA A 138 16.21 22.79 18.58
N PHE A 139 15.24 23.03 17.69
CA PHE A 139 14.65 24.37 17.59
C PHE A 139 13.89 24.77 18.86
N ILE A 140 13.19 23.81 19.49
CA ILE A 140 12.47 24.08 20.73
C ILE A 140 13.45 24.45 21.85
N LEU A 141 14.55 23.70 21.97
CA LEU A 141 15.53 23.99 23.01
C LEU A 141 16.23 25.32 22.75
N ARG A 142 16.51 25.64 21.48
CA ARG A 142 17.15 26.91 21.15
C ARG A 142 16.23 28.09 21.43
N ASN A 143 14.94 27.95 21.12
CA ASN A 143 14.01 29.05 21.38
C ASN A 143 13.74 29.24 22.87
N ALA A 144 13.67 28.13 23.63
CA ALA A 144 13.49 28.25 25.07
C ALA A 144 14.71 28.89 25.74
N THR A 145 15.91 28.49 25.31
CA THR A 145 17.11 29.13 25.84
C THR A 145 17.22 30.58 25.38
N TRP A 146 16.66 30.91 24.21
CA TRP A 146 16.64 32.30 23.74
C TRP A 146 15.72 33.15 24.61
N PHE A 147 14.57 32.61 25.02
CA PHE A 147 13.71 33.32 25.97
C PHE A 147 14.39 33.49 27.32
N VAL A 148 15.14 32.47 27.77
CA VAL A 148 15.88 32.60 29.02
C VAL A 148 16.95 33.69 28.90
N VAL A 149 17.62 33.77 27.75
CA VAL A 149 18.62 34.81 27.48
C VAL A 149 17.99 36.19 27.50
N GLN A 150 16.86 36.35 26.82
CA GLN A 150 16.22 37.66 26.76
C GLN A 150 15.56 38.05 28.06
N LEU A 151 15.31 37.10 28.97
CA LEU A 151 14.76 37.49 30.26
C LEU A 151 15.80 37.75 31.35
N THR A 152 16.96 37.07 31.34
CA THR A 152 17.87 37.20 32.48
C THR A 152 19.12 38.03 32.19
N MET A 153 19.03 39.00 31.28
CA MET A 153 20.17 39.86 31.00
C MET A 153 19.85 41.30 31.40
N SER A 154 20.79 41.91 32.09
CA SER A 154 20.72 43.28 32.56
C SER A 154 22.14 43.83 32.60
N PRO A 155 22.31 45.16 32.59
CA PRO A 155 23.66 45.71 32.74
C PRO A 155 24.34 45.39 34.07
N GLU A 156 23.57 45.21 35.14
CA GLU A 156 24.16 44.82 36.42
C GLU A 156 24.73 43.41 36.38
N VAL A 157 24.10 42.50 35.61
CA VAL A 157 24.69 41.18 35.40
C VAL A 157 25.82 41.26 34.39
N HIS A 158 25.78 42.22 33.47
CA HIS A 158 26.83 42.36 32.47
C HIS A 158 28.11 42.97 33.04
N GLN A 159 28.03 43.73 34.14
CA GLN A 159 29.23 44.30 34.74
C GLN A 159 30.07 43.23 35.43
N SER A 160 29.49 42.53 36.41
CA SER A 160 30.20 41.53 37.18
C SER A 160 29.98 40.16 36.58
N ASN A 161 31.06 39.43 36.36
CA ASN A 161 31.02 38.13 35.70
C ASN A 161 30.52 37.08 36.69
N VAL A 162 29.23 36.77 36.61
CA VAL A 162 28.63 35.73 37.44
C VAL A 162 28.73 34.41 36.70
N GLY A 163 28.60 33.29 37.42
CA GLY A 163 28.72 31.97 36.82
C GLY A 163 27.55 31.52 35.98
N TRP A 164 26.32 31.78 36.45
CA TRP A 164 25.14 31.32 35.71
C TRP A 164 24.93 32.10 34.42
N CYS A 165 25.46 33.33 34.34
CA CYS A 165 25.46 34.08 33.08
C CYS A 165 26.27 33.34 32.03
N ARG A 166 27.47 32.88 32.41
CA ARG A 166 28.30 32.06 31.54
C ARG A 166 27.64 30.72 31.23
N LEU A 167 26.89 30.17 32.19
CA LEU A 167 26.16 28.92 31.96
C LEU A 167 25.08 29.07 30.89
N VAL A 168 24.31 30.15 30.98
CA VAL A 168 23.23 30.40 30.01
C VAL A 168 23.82 30.71 28.63
N THR A 169 24.93 31.45 28.59
CA THR A 169 25.58 31.74 27.31
C THR A 169 26.14 30.48 26.65
N ALA A 170 26.78 29.60 27.44
CA ALA A 170 27.31 28.36 26.90
C ALA A 170 26.20 27.40 26.46
N ALA A 171 25.08 27.39 27.18
CA ALA A 171 23.95 26.55 26.79
C ALA A 171 23.32 27.05 25.50
N TYR A 172 23.21 28.37 25.33
CA TYR A 172 22.66 28.93 24.10
C TYR A 172 23.55 28.65 22.90
N ASN A 173 24.88 28.77 23.08
CA ASN A 173 25.80 28.46 22.00
C ASN A 173 25.80 26.97 21.67
N TYR A 174 25.66 26.11 22.69
CA TYR A 174 25.59 24.68 22.46
C TYR A 174 24.33 24.29 21.68
N PHE A 175 23.19 24.87 22.02
CA PHE A 175 21.97 24.54 21.28
C PHE A 175 21.98 25.14 19.88
N HIS A 176 22.66 26.27 19.68
CA HIS A 176 22.78 26.84 18.34
C HIS A 176 23.65 25.96 17.43
N VAL A 177 24.79 25.50 17.95
CA VAL A 177 25.65 24.58 17.20
C VAL A 177 24.96 23.24 16.98
N THR A 178 24.14 22.79 17.94
CA THR A 178 23.36 21.56 17.76
C THR A 178 22.32 21.71 16.66
N ASN A 179 21.69 22.89 16.58
CA ASN A 179 20.73 23.16 15.51
C ASN A 179 21.39 23.14 14.14
N PHE A 180 22.60 23.71 14.04
CA PHE A 180 23.31 23.69 12.76
C PHE A 180 23.78 22.28 12.38
N PHE A 181 24.20 21.47 13.35
CA PHE A 181 24.58 20.11 13.02
C PHE A 181 23.38 19.24 12.69
N TRP A 182 22.20 19.54 13.23
CA TRP A 182 21.02 18.81 12.77
C TRP A 182 20.53 19.25 11.41
N MET A 183 20.72 20.52 11.05
CA MET A 183 20.48 20.90 9.65
C MET A 183 21.49 20.24 8.72
N PHE A 184 22.72 20.05 9.19
CA PHE A 184 23.70 19.25 8.45
C PHE A 184 23.26 17.80 8.31
N GLY A 185 22.64 17.24 9.35
CA GLY A 185 22.13 15.89 9.27
C GLY A 185 20.98 15.76 8.29
N GLU A 186 20.10 16.76 8.25
CA GLU A 186 19.04 16.83 7.24
C GLU A 186 19.61 16.88 5.84
N GLY A 187 20.64 17.72 5.63
CA GLY A 187 21.25 17.82 4.31
C GLY A 187 21.99 16.56 3.90
N CYS A 188 22.66 15.91 4.85
CA CYS A 188 23.39 14.68 4.56
C CYS A 188 22.42 13.53 4.24
N TYR A 189 21.31 13.46 4.99
CA TYR A 189 20.32 12.42 4.70
C TYR A 189 19.62 12.66 3.37
N LEU A 190 19.35 13.93 3.02
CA LEU A 190 18.71 14.21 1.74
C LEU A 190 19.66 13.95 0.56
N HIS A 191 20.94 14.29 0.72
CA HIS A 191 21.90 14.04 -0.35
C HIS A 191 22.21 12.55 -0.49
N THR A 192 22.21 11.80 0.61
CA THR A 192 22.39 10.36 0.57
C THR A 192 21.09 9.65 0.20
N ALA A 193 19.96 10.36 0.18
CA ALA A 193 18.73 9.77 -0.33
C ALA A 193 18.53 10.01 -1.82
N ILE A 194 19.00 11.14 -2.36
CA ILE A 194 18.77 11.43 -3.76
C ILE A 194 19.95 11.04 -4.64
N VAL A 195 21.14 11.56 -4.34
CA VAL A 195 22.33 11.30 -5.14
C VAL A 195 22.79 9.85 -4.99
N LEU A 196 23.25 9.48 -3.80
CA LEU A 196 23.72 8.12 -3.52
C LEU A 196 22.52 7.26 -3.16
N THR A 197 21.73 6.95 -4.20
CA THR A 197 20.46 6.25 -4.03
C THR A 197 20.62 4.84 -3.47
N TYR A 198 21.60 4.10 -3.96
CA TYR A 198 21.80 2.74 -3.49
C TYR A 198 22.52 2.66 -2.16
N SER A 199 23.06 3.77 -1.67
CA SER A 199 23.76 3.81 -0.39
C SER A 199 22.91 4.39 0.73
N THR A 200 21.59 4.42 0.56
CA THR A 200 20.71 5.00 1.58
C THR A 200 20.55 4.07 2.79
N ASP A 201 20.65 2.76 2.59
CA ASP A 201 20.49 1.81 3.69
C ASP A 201 21.74 1.71 4.56
N ARG A 202 22.86 2.29 4.11
CA ARG A 202 24.07 2.31 4.91
C ARG A 202 23.95 3.24 6.10
N LEU A 203 23.06 4.23 6.03
CA LEU A 203 22.87 5.16 7.13
C LEU A 203 22.08 4.51 8.26
N ARG A 204 22.49 4.81 9.49
CA ARG A 204 21.80 4.33 10.68
C ARG A 204 21.41 5.53 11.55
N LYS A 205 20.57 5.26 12.54
CA LYS A 205 20.05 6.33 13.39
C LYS A 205 21.10 6.83 14.38
N TRP A 206 21.95 5.92 14.88
CA TRP A 206 22.93 6.29 15.90
C TRP A 206 24.02 7.21 15.36
N MET A 207 24.35 7.10 14.06
CA MET A 207 25.33 8.01 13.48
C MET A 207 24.80 9.44 13.42
N PHE A 208 23.51 9.60 13.07
CA PHE A 208 22.93 10.93 13.06
C PHE A 208 22.74 11.48 14.47
N ILE A 209 22.44 10.63 15.44
CA ILE A 209 22.32 11.09 16.83
C ILE A 209 23.68 11.53 17.35
N CYS A 210 24.74 10.76 17.06
CA CYS A 210 26.06 11.12 17.55
C CYS A 210 26.69 12.28 16.77
N ILE A 211 26.25 12.55 15.54
CA ILE A 211 26.74 13.73 14.85
C ILE A 211 25.89 14.96 15.15
N GLY A 212 24.68 14.78 15.70
CA GLY A 212 23.86 15.92 16.07
C GLY A 212 24.06 16.39 17.50
N TRP A 213 24.09 15.45 18.45
CA TRP A 213 24.19 15.82 19.85
C TRP A 213 25.58 15.57 20.45
N GLY A 214 26.45 14.86 19.74
CA GLY A 214 27.76 14.51 20.26
C GLY A 214 28.87 15.46 19.90
N VAL A 215 29.01 15.74 18.60
CA VAL A 215 30.04 16.60 18.03
C VAL A 215 30.01 18.05 18.55
N PRO A 216 28.87 18.69 18.86
CA PRO A 216 28.95 19.99 19.56
C PRO A 216 29.58 19.97 20.95
N PHE A 217 29.65 18.82 21.63
CA PHE A 217 30.18 18.80 22.99
C PHE A 217 31.68 19.13 23.07
N PRO A 218 32.60 18.55 22.26
CA PRO A 218 33.99 19.02 22.36
C PRO A 218 34.20 20.44 21.86
N ILE A 219 33.35 20.92 20.94
CA ILE A 219 33.45 22.29 20.46
C ILE A 219 33.11 23.27 21.58
N ILE A 220 32.02 23.00 22.31
CA ILE A 220 31.64 23.89 23.41
C ILE A 220 32.61 23.76 24.59
N VAL A 221 33.17 22.57 24.83
CA VAL A 221 34.17 22.42 25.89
C VAL A 221 35.46 23.18 25.54
N ALA A 222 35.89 23.11 24.27
CA ALA A 222 37.08 23.84 23.85
C ALA A 222 36.84 25.35 23.88
N TRP A 223 35.62 25.78 23.54
CA TRP A 223 35.29 27.21 23.64
C TRP A 223 35.27 27.68 25.08
N ALA A 224 34.79 26.82 26.00
CA ALA A 224 34.76 27.19 27.41
C ALA A 224 36.17 27.26 27.99
N ILE A 225 37.06 26.36 27.56
CA ILE A 225 38.46 26.42 27.99
C ILE A 225 39.15 27.67 27.42
N GLY A 226 38.90 27.97 26.15
CA GLY A 226 39.50 29.16 25.55
C GLY A 226 39.01 30.46 26.14
N LYS A 227 37.74 30.51 26.52
CA LYS A 227 37.23 31.68 27.24
C LYS A 227 37.65 31.70 28.70
N LEU A 228 37.95 30.55 29.30
CA LEU A 228 38.45 30.53 30.66
C LEU A 228 39.89 30.99 30.75
N TYR A 229 40.68 30.75 29.70
CA TYR A 229 42.11 31.05 29.76
C TYR A 229 42.51 32.33 29.03
N TYR A 230 41.78 32.76 28.00
CA TYR A 230 42.16 33.94 27.24
C TYR A 230 41.35 35.17 27.61
N ASP A 231 40.03 35.11 27.46
CA ASP A 231 39.17 36.28 27.61
C ASP A 231 37.97 35.89 28.46
N ASN A 232 37.94 36.35 29.71
CA ASN A 232 36.92 35.92 30.66
C ASN A 232 36.18 37.12 31.23
N GLU A 233 35.72 38.02 30.36
CA GLU A 233 35.02 39.21 30.78
C GLU A 233 33.71 39.36 30.01
N LYS A 234 32.74 40.00 30.65
CA LYS A 234 31.44 40.38 30.07
C LYS A 234 30.64 39.16 29.62
N CYS A 235 30.56 38.17 30.51
CA CYS A 235 29.73 36.95 30.36
C CYS A 235 30.05 36.16 29.09
N TRP A 236 31.31 36.19 28.65
CA TRP A 236 31.88 35.45 27.52
C TRP A 236 31.27 35.83 26.17
N PHE A 237 30.44 36.88 26.09
CA PHE A 237 29.93 37.32 24.80
C PHE A 237 30.31 38.77 24.50
N GLY A 238 31.09 39.42 25.37
CA GLY A 238 31.60 40.75 25.07
C GLY A 238 32.73 40.64 24.07
N LYS A 239 32.69 41.48 23.05
CA LYS A 239 33.65 41.42 21.96
C LYS A 239 34.74 42.45 22.19
N ARG A 240 35.98 41.98 22.27
CA ARG A 240 37.15 42.84 22.41
C ARG A 240 37.99 42.74 21.14
N PRO A 241 38.46 43.85 20.58
CA PRO A 241 39.25 43.78 19.34
C PRO A 241 40.62 43.16 19.59
N GLY A 242 41.03 42.30 18.66
CA GLY A 242 42.24 41.53 18.79
C GLY A 242 42.06 40.18 19.43
N VAL A 243 40.82 39.78 19.72
CA VAL A 243 40.51 38.49 20.34
C VAL A 243 39.57 37.74 19.41
N TYR A 244 39.97 36.54 18.99
CA TYR A 244 39.24 35.72 18.04
C TYR A 244 38.85 34.39 18.67
N THR A 245 38.46 34.42 19.95
CA THR A 245 38.05 33.22 20.66
C THR A 245 36.61 32.81 20.33
N ASP A 246 35.80 33.73 19.79
CA ASP A 246 34.44 33.39 19.40
C ASP A 246 34.42 32.47 18.18
N TYR A 247 35.36 32.64 17.26
CA TYR A 247 35.37 31.86 16.02
C TYR A 247 35.58 30.37 16.24
N ILE A 248 36.09 29.96 17.40
CA ILE A 248 36.24 28.54 17.69
C ILE A 248 34.90 27.84 17.85
N TYR A 249 33.79 28.57 18.07
CA TYR A 249 32.49 27.92 17.89
C TYR A 249 31.83 28.31 16.59
N GLN A 250 32.33 29.34 15.89
CA GLN A 250 31.75 29.76 14.62
C GLN A 250 32.52 29.23 13.43
N GLY A 251 33.66 28.60 13.64
CA GLY A 251 34.49 28.03 12.59
C GLY A 251 33.85 26.90 11.81
N PRO A 252 33.52 25.77 12.48
CA PRO A 252 32.88 24.66 11.75
C PRO A 252 31.50 24.98 11.21
N MET A 253 30.74 25.84 11.92
CA MET A 253 29.33 26.09 11.61
C MET A 253 29.13 26.61 10.20
N ILE A 254 29.81 27.72 9.88
CA ILE A 254 29.78 28.27 8.53
C ILE A 254 30.38 27.28 7.54
N LEU A 255 31.39 26.51 7.96
CA LEU A 255 31.91 25.41 7.15
C LEU A 255 30.82 24.39 6.87
N VAL A 256 30.09 24.03 7.93
CA VAL A 256 28.89 23.20 7.80
C VAL A 256 27.89 23.85 6.86
N LEU A 257 27.72 25.17 7.00
CA LEU A 257 26.80 25.90 6.14
C LEU A 257 27.27 25.89 4.70
N LEU A 258 28.61 25.90 4.48
CA LEU A 258 29.15 25.76 3.13
C LEU A 258 28.74 24.44 2.52
N ILE A 259 28.84 23.36 3.30
CA ILE A 259 28.40 22.05 2.83
C ILE A 259 26.90 22.07 2.55
N ASN A 260 26.14 22.78 3.40
CA ASN A 260 24.70 22.89 3.20
C ASN A 260 24.34 23.72 1.97
N PHE A 261 25.29 24.46 1.41
CA PHE A 261 25.04 25.04 0.10
C PHE A 261 25.21 23.98 -0.99
N ILE A 262 26.35 23.29 -0.95
CA ILE A 262 26.89 22.59 -2.14
C ILE A 262 25.98 21.44 -2.53
N PHE A 263 25.61 20.60 -1.54
CA PHE A 263 24.69 19.48 -1.72
C PHE A 263 23.38 19.92 -2.37
N LEU A 264 22.84 21.08 -1.92
CA LEU A 264 21.57 21.58 -2.46
C LEU A 264 21.67 21.83 -3.96
N PHE A 265 22.81 22.38 -4.41
CA PHE A 265 23.02 22.64 -5.82
C PHE A 265 22.91 21.35 -6.63
N ASN A 266 23.56 20.29 -6.14
CA ASN A 266 23.50 18.99 -6.81
C ASN A 266 22.07 18.46 -6.85
N ILE A 267 21.33 18.67 -5.75
CA ILE A 267 19.95 18.23 -5.66
C ILE A 267 19.11 18.92 -6.71
N VAL A 268 19.35 20.23 -6.91
CA VAL A 268 18.57 21.00 -7.89
C VAL A 268 18.85 20.47 -9.29
N ARG A 269 20.12 20.07 -9.53
CA ARG A 269 20.48 19.49 -10.82
C ARG A 269 19.71 18.20 -11.07
N ILE A 270 19.64 17.34 -10.03
CA ILE A 270 18.92 16.08 -10.16
C ILE A 270 17.44 16.36 -10.32
N LEU A 271 16.95 17.44 -9.70
CA LEU A 271 15.54 17.80 -9.83
C LEU A 271 15.23 18.20 -11.26
N MET A 272 16.16 18.89 -11.92
CA MET A 272 15.97 19.24 -13.32
C MET A 272 15.95 17.99 -14.18
N THR A 273 16.80 17.00 -13.81
CA THR A 273 16.86 15.73 -14.53
C THR A 273 15.57 14.94 -14.37
N LYS A 274 14.75 15.27 -13.38
CA LYS A 274 13.41 14.69 -13.33
C LYS A 274 12.43 15.51 -14.14
N LEU A 275 12.46 16.85 -13.97
CA LEU A 275 11.41 17.72 -14.52
C LEU A 275 11.40 17.70 -16.04
N ARG A 276 12.57 17.78 -16.66
CA ARG A 276 12.69 17.70 -18.12
C ARG A 276 12.18 16.36 -18.63
N ALA A 277 12.37 15.30 -17.83
CA ALA A 277 11.82 14.00 -18.20
C ALA A 277 10.30 13.99 -18.05
N SER A 278 9.76 14.64 -17.02
CA SER A 278 8.36 14.46 -16.68
C SER A 278 7.44 15.63 -17.07
N THR A 279 7.98 16.76 -17.50
CA THR A 279 7.16 17.92 -17.83
C THR A 279 7.44 18.34 -19.27
N THR A 280 6.37 18.51 -20.04
CA THR A 280 6.46 18.92 -21.44
C THR A 280 6.40 20.44 -21.59
N SER A 281 6.15 21.17 -20.50
CA SER A 281 6.00 22.62 -20.54
C SER A 281 7.12 23.28 -19.74
N GLU A 282 7.76 24.28 -20.36
CA GLU A 282 8.86 24.99 -19.71
C GLU A 282 8.37 25.78 -18.49
N THR A 283 7.17 26.34 -18.57
CA THR A 283 6.63 27.19 -17.50
C THR A 283 6.42 26.40 -16.21
N ILE A 284 5.90 25.17 -16.32
CA ILE A 284 5.57 24.37 -15.14
C ILE A 284 6.82 23.93 -14.39
N GLN A 285 7.84 23.46 -15.12
CA GLN A 285 9.04 22.92 -14.49
C GLN A 285 9.85 23.98 -13.74
N TYR A 286 9.96 25.20 -14.30
CA TYR A 286 10.64 26.28 -13.57
C TYR A 286 9.87 26.68 -12.33
N ARG A 287 8.53 26.70 -12.40
CA ARG A 287 7.72 27.04 -11.25
C ARG A 287 7.87 26.00 -10.13
N LYS A 288 7.89 24.72 -10.50
CA LYS A 288 8.07 23.67 -9.50
C LYS A 288 9.48 23.66 -8.93
N ALA A 289 10.48 24.02 -9.74
CA ALA A 289 11.85 24.11 -9.22
C ALA A 289 12.01 25.28 -8.26
N VAL A 290 11.37 26.41 -8.57
CA VAL A 290 11.40 27.56 -7.67
C VAL A 290 10.65 27.25 -6.37
N LYS A 291 9.53 26.53 -6.47
CA LYS A 291 8.78 26.14 -5.27
C LYS A 291 9.58 25.17 -4.40
N ALA A 292 10.26 24.20 -5.02
CA ALA A 292 11.07 23.26 -4.25
C ALA A 292 12.29 23.93 -3.63
N THR A 293 12.87 24.93 -4.32
CA THR A 293 14.00 25.67 -3.77
C THR A 293 13.58 26.52 -2.59
N LEU A 294 12.44 27.23 -2.72
CA LEU A 294 11.97 28.06 -1.61
C LEU A 294 11.43 27.24 -0.44
N VAL A 295 11.05 25.98 -0.66
CA VAL A 295 10.75 25.11 0.47
C VAL A 295 12.02 24.58 1.11
N LEU A 296 13.03 24.24 0.29
CA LEU A 296 14.23 23.62 0.83
C LEU A 296 15.21 24.61 1.46
N LEU A 297 15.09 25.92 1.17
CA LEU A 297 15.98 26.90 1.77
C LEU A 297 15.85 27.07 3.30
N PRO A 298 14.65 27.13 3.92
CA PRO A 298 14.64 27.22 5.39
C PRO A 298 15.04 25.95 6.10
N LEU A 299 14.94 24.79 5.45
CA LEU A 299 15.31 23.53 6.10
C LEU A 299 16.81 23.43 6.30
N LEU A 300 17.59 23.73 5.25
CA LEU A 300 19.03 23.62 5.34
C LEU A 300 19.68 24.85 5.97
N GLY A 301 18.91 25.91 6.22
CA GLY A 301 19.43 27.07 6.90
C GLY A 301 20.31 27.97 6.07
N ILE A 302 20.02 28.12 4.78
CA ILE A 302 20.85 28.92 3.88
C ILE A 302 20.30 30.34 3.86
N THR A 303 19.32 30.60 4.73
CA THR A 303 18.82 31.95 4.92
C THR A 303 19.85 32.85 5.60
N TYR A 304 20.80 32.27 6.34
CA TYR A 304 21.87 33.06 6.94
C TYR A 304 22.89 33.52 5.92
N MET A 305 23.01 32.83 4.79
CA MET A 305 23.99 33.16 3.75
C MET A 305 23.43 34.18 2.75
N LEU A 306 22.20 34.66 2.95
CA LEU A 306 21.62 35.60 2.01
C LEU A 306 22.24 36.99 2.17
N PHE A 307 22.31 37.50 3.39
CA PHE A 307 23.00 38.75 3.69
C PHE A 307 23.84 38.45 4.93
N PHE A 308 25.07 37.96 4.69
CA PHE A 308 25.88 37.35 5.74
C PHE A 308 26.84 38.35 6.40
N VAL A 309 27.66 39.04 5.61
CA VAL A 309 28.70 39.91 6.13
C VAL A 309 28.33 41.36 5.82
N ASN A 310 28.34 42.20 6.86
CA ASN A 310 28.16 43.63 6.69
C ASN A 310 29.44 44.22 6.07
N PRO A 311 29.34 45.24 5.21
CA PRO A 311 30.57 45.83 4.66
C PRO A 311 31.39 46.60 5.68
N GLY A 312 30.76 47.23 6.67
CA GLY A 312 31.47 47.93 7.73
C GLY A 312 31.16 49.40 7.84
N GLU A 313 30.70 50.04 6.77
CA GLU A 313 30.40 51.46 6.82
C GLU A 313 29.12 51.72 7.62
N ASP A 314 29.17 52.73 8.47
CA ASP A 314 28.04 53.11 9.32
C ASP A 314 27.01 53.81 8.44
N GLU A 315 26.05 53.04 7.95
CA GLU A 315 25.05 53.55 7.02
C GLU A 315 23.76 52.79 7.24
N VAL A 316 22.85 52.86 6.26
CA VAL A 316 21.52 52.24 6.38
C VAL A 316 21.57 50.74 6.13
N SER A 317 22.73 50.19 5.74
CA SER A 317 22.85 48.75 5.52
C SER A 317 22.78 47.97 6.83
N ARG A 318 23.13 48.59 7.95
CA ARG A 318 23.02 47.91 9.25
C ARG A 318 21.57 47.66 9.62
N VAL A 319 20.67 48.58 9.24
CA VAL A 319 19.25 48.41 9.52
C VAL A 319 18.69 47.25 8.70
N VAL A 320 19.13 47.13 7.44
CA VAL A 320 18.72 46.01 6.59
C VAL A 320 19.26 44.70 7.14
N PHE A 321 20.51 44.73 7.66
CA PHE A 321 21.13 43.57 8.29
C PHE A 321 20.31 43.08 9.48
N ILE A 322 19.96 44.01 10.38
CA ILE A 322 19.24 43.66 11.60
C ILE A 322 17.83 43.15 11.28
N TYR A 323 17.08 43.87 10.43
CA TYR A 323 15.70 43.45 10.15
C TYR A 323 15.64 42.15 9.35
N PHE A 324 16.51 41.99 8.35
CA PHE A 324 16.50 40.79 7.51
C PHE A 324 16.90 39.55 8.31
N ASN A 325 18.01 39.63 9.05
CA ASN A 325 18.45 38.49 9.83
C ASN A 325 17.52 38.21 11.01
N SER A 326 16.91 39.25 11.59
CA SER A 326 15.97 39.05 12.69
C SER A 326 14.71 38.33 12.21
N PHE A 327 14.17 38.74 11.06
CA PHE A 327 12.99 38.08 10.52
C PHE A 327 13.29 36.62 10.15
N LEU A 328 14.44 36.38 9.52
CA LEU A 328 14.76 35.01 9.10
C LEU A 328 15.04 34.10 10.29
N GLU A 329 15.84 34.58 11.26
CA GLU A 329 16.14 33.78 12.44
C GLU A 329 14.91 33.58 13.34
N SER A 330 13.94 34.50 13.29
CA SER A 330 12.74 34.33 14.10
C SER A 330 11.75 33.37 13.43
N PHE A 331 11.64 33.41 12.10
CA PHE A 331 10.61 32.62 11.42
C PHE A 331 11.14 31.36 10.74
N GLN A 332 12.43 31.04 10.90
CA GLN A 332 12.98 29.82 10.30
C GLN A 332 12.34 28.56 10.86
N GLY A 333 12.28 28.45 12.19
CA GLY A 333 11.68 27.28 12.82
C GLY A 333 10.20 27.17 12.54
N PHE A 334 9.50 28.30 12.46
CA PHE A 334 8.08 28.31 12.10
C PHE A 334 7.87 27.80 10.69
N PHE A 335 8.69 28.26 9.74
CA PHE A 335 8.56 27.82 8.35
C PHE A 335 8.88 26.34 8.20
N VAL A 336 9.94 25.87 8.89
CA VAL A 336 10.32 24.46 8.83
C VAL A 336 9.21 23.58 9.40
N SER A 337 8.68 23.98 10.57
CA SER A 337 7.63 23.21 11.23
C SER A 337 6.35 23.15 10.39
N VAL A 338 5.92 24.30 9.87
CA VAL A 338 4.67 24.35 9.09
C VAL A 338 4.81 23.56 7.79
N PHE A 339 5.88 23.81 7.01
CA PHE A 339 6.03 23.13 5.72
C PHE A 339 6.27 21.63 5.87
N TYR A 340 7.07 21.21 6.84
CA TYR A 340 7.36 19.79 6.94
C TYR A 340 6.40 19.00 7.83
N CYS A 341 5.50 19.66 8.56
CA CYS A 341 4.50 18.94 9.35
C CYS A 341 3.07 19.15 8.86
N PHE A 342 2.63 20.40 8.72
CA PHE A 342 1.23 20.68 8.51
C PHE A 342 0.82 20.58 7.04
N LEU A 343 1.74 20.83 6.11
CA LEU A 343 1.47 20.74 4.69
C LEU A 343 1.89 19.42 4.08
N ASN A 344 2.34 18.46 4.89
CA ASN A 344 2.67 17.14 4.38
C ASN A 344 1.40 16.35 4.13
N SER A 345 1.43 15.51 3.09
CA SER A 345 0.23 14.79 2.68
C SER A 345 -0.09 13.64 3.62
N GLU A 346 0.93 12.95 4.12
CA GLU A 346 0.71 11.81 5.02
C GLU A 346 0.21 12.28 6.38
N VAL A 347 0.75 13.40 6.88
CA VAL A 347 0.33 13.92 8.17
C VAL A 347 -1.10 14.48 8.08
N ARG A 348 -1.44 15.14 6.96
CA ARG A 348 -2.81 15.62 6.78
C ARG A 348 -3.78 14.45 6.62
N SER A 349 -3.35 13.38 5.96
CA SER A 349 -4.20 12.20 5.83
C SER A 349 -4.42 11.53 7.19
N ALA A 350 -3.38 11.49 8.02
CA ALA A 350 -3.53 10.92 9.36
C ALA A 350 -4.42 11.78 10.26
N ILE A 351 -4.33 13.11 10.12
CA ILE A 351 -5.21 13.99 10.87
C ILE A 351 -6.67 13.83 10.42
N ARG A 352 -6.88 13.64 9.11
CA ARG A 352 -8.24 13.40 8.62
C ARG A 352 -8.80 12.07 9.10
N LYS A 353 -7.95 11.02 9.14
CA LYS A 353 -8.39 9.72 9.65
C LYS A 353 -8.76 9.82 11.12
N ARG A 354 -7.92 10.48 11.93
CA ARG A 354 -8.21 10.60 13.36
C ARG A 354 -9.41 11.52 13.61
N TRP A 355 -9.65 12.51 12.74
CA TRP A 355 -10.82 13.35 12.88
C TRP A 355 -12.10 12.58 12.55
N HIS A 356 -12.05 11.69 11.54
CA HIS A 356 -13.20 10.83 11.28
C HIS A 356 -13.43 9.83 12.41
N ARG A 357 -12.35 9.33 13.02
CA ARG A 357 -12.51 8.43 14.17
C ARG A 357 -13.12 9.15 15.36
N TRP A 358 -12.72 10.39 15.61
CA TRP A 358 -13.29 11.16 16.71
C TRP A 358 -14.73 11.57 16.41
N GLN A 359 -15.05 11.84 15.14
CA GLN A 359 -16.43 12.15 14.77
C GLN A 359 -17.34 10.94 14.92
N ASP A 360 -16.83 9.76 14.56
CA ASP A 360 -17.61 8.53 14.75
C ASP A 360 -17.75 8.18 16.23
N LYS A 361 -16.75 8.52 17.04
CA LYS A 361 -16.86 8.27 18.48
C LYS A 361 -17.85 9.22 19.15
N HIS A 362 -17.80 10.50 18.78
CA HIS A 362 -18.67 11.50 19.42
C HIS A 362 -20.11 11.40 18.91
N SER A 363 -20.29 11.09 17.64
CA SER A 363 -21.63 11.00 17.06
C SER A 363 -22.34 9.73 17.50
N ASN B 2 36.14 44.95 13.53
CA ASN B 2 34.91 44.56 14.22
C ASN B 2 33.86 43.76 13.40
N PRO B 3 34.25 42.72 12.63
CA PRO B 3 33.27 42.05 11.77
C PRO B 3 32.23 41.26 12.57
N SER B 4 31.00 41.26 12.06
CA SER B 4 29.91 40.52 12.66
C SER B 4 29.35 39.51 11.65
N LEU B 5 28.55 38.58 12.15
CA LEU B 5 27.98 37.52 11.33
C LEU B 5 26.48 37.44 11.58
N SER B 6 25.76 36.95 10.58
CA SER B 6 24.32 36.75 10.70
C SER B 6 23.97 35.71 11.75
N ILE B 7 24.82 34.67 11.90
CA ILE B 7 24.60 33.65 12.91
C ILE B 7 24.65 34.22 14.32
N ASP B 8 25.56 35.17 14.57
CA ASP B 8 25.69 35.81 15.88
C ASP B 8 24.85 37.09 15.95
N LEU B 9 23.57 36.98 15.55
CA LEU B 9 22.70 38.15 15.55
C LEU B 9 22.13 38.44 16.93
N THR B 10 21.92 37.39 17.73
CA THR B 10 21.36 37.54 19.08
C THR B 10 22.30 38.30 19.99
N PHE B 11 23.57 37.87 20.05
CA PHE B 11 24.54 38.54 20.90
C PHE B 11 24.90 39.92 20.37
N HIS B 12 24.76 40.14 19.06
CA HIS B 12 24.98 41.48 18.50
C HIS B 12 23.88 42.44 18.96
N LEU B 13 22.61 41.99 18.90
CA LEU B 13 21.52 42.83 19.41
C LEU B 13 21.64 43.02 20.92
N LEU B 14 22.12 42.01 21.65
CA LEU B 14 22.31 42.16 23.09
C LEU B 14 23.39 43.18 23.41
N ARG B 15 24.50 43.17 22.65
CA ARG B 15 25.56 44.15 22.89
C ARG B 15 25.11 45.55 22.53
N THR B 16 24.34 45.71 21.46
CA THR B 16 23.84 47.05 21.11
C THR B 16 22.81 47.56 22.12
N LEU B 17 21.92 46.68 22.60
CA LEU B 17 20.94 47.10 23.61
C LEU B 17 21.59 47.41 24.95
N LEU B 18 22.61 46.64 25.35
CA LEU B 18 23.28 46.91 26.61
C LEU B 18 24.13 48.18 26.53
N GLU B 19 24.77 48.42 25.37
CA GLU B 19 25.52 49.67 25.21
C GLU B 19 24.59 50.88 25.15
N LEU B 20 23.39 50.70 24.58
CA LEU B 20 22.40 51.77 24.57
C LEU B 20 21.86 52.04 25.97
N ALA B 21 21.66 51.00 26.77
CA ALA B 21 21.24 51.18 28.16
C ALA B 21 22.34 51.83 28.99
N ARG B 22 23.61 51.50 28.70
CA ARG B 22 24.73 52.13 29.41
C ARG B 22 24.85 53.61 29.07
N THR B 23 24.72 53.97 27.79
CA THR B 23 24.81 55.39 27.45
C THR B 23 23.55 56.15 27.87
N GLN B 24 22.40 55.48 27.98
CA GLN B 24 21.21 56.14 28.50
C GLN B 24 21.34 56.42 30.00
N SER B 25 21.88 55.44 30.75
CA SER B 25 22.15 55.67 32.18
C SER B 25 23.27 56.69 32.37
N GLN B 26 24.22 56.76 31.43
CA GLN B 26 25.27 57.76 31.50
C GLN B 26 24.72 59.15 31.27
N ARG B 27 23.79 59.30 30.32
CA ARG B 27 23.14 60.60 30.10
C ARG B 27 22.25 60.98 31.28
N GLU B 28 21.59 59.99 31.91
CA GLU B 28 20.77 60.27 33.08
C GLU B 28 21.62 60.71 34.27
N ARG B 29 22.77 60.06 34.46
CA ARG B 29 23.68 60.46 35.54
C ARG B 29 24.32 61.81 35.25
N ALA B 30 24.58 62.12 33.98
CA ALA B 30 25.09 63.45 33.63
C ALA B 30 24.02 64.52 33.84
N GLU B 31 22.75 64.19 33.59
CA GLU B 31 21.66 65.13 33.87
C GLU B 31 21.52 65.37 35.36
N GLN B 32 21.64 64.31 36.17
CA GLN B 32 21.60 64.46 37.62
C GLN B 32 22.78 65.27 38.14
N ASN B 33 23.97 65.09 37.53
CA ASN B 33 25.13 65.87 37.92
C ASN B 33 24.98 67.33 37.52
N ARG B 34 24.31 67.60 36.38
CA ARG B 34 24.03 68.99 36.01
C ARG B 34 22.99 69.61 36.94
N ILE B 35 22.05 68.83 37.45
CA ILE B 35 21.11 69.32 38.46
C ILE B 35 21.85 69.66 39.76
N ILE B 36 22.81 68.82 40.15
CA ILE B 36 23.62 69.09 41.34
C ILE B 36 24.48 70.33 41.14
N PHE B 37 25.04 70.50 39.94
CA PHE B 37 25.86 71.69 39.66
C PHE B 37 25.03 72.97 39.60
N ASP B 38 23.78 72.88 39.11
CA ASP B 38 22.91 74.05 39.10
C ASP B 38 22.42 74.39 40.50
N SER B 39 22.19 73.36 41.34
CA SER B 39 21.76 73.61 42.70
C SER B 39 22.92 74.07 43.58
N VAL B 40 24.06 73.38 43.50
CA VAL B 40 25.23 73.74 44.29
C VAL B 40 26.34 74.23 43.37
N ASP C 11 6.92 -18.72 40.66
CA ASP C 11 6.82 -19.66 39.55
C ASP C 11 6.68 -18.93 38.21
N GLN C 12 5.87 -17.86 38.22
CA GLN C 12 5.62 -17.11 37.00
C GLN C 12 6.77 -16.19 36.63
N ARG C 13 7.60 -15.81 37.60
CA ARG C 13 8.72 -14.89 37.34
C ARG C 13 9.74 -15.52 36.40
N ASN C 14 10.03 -16.81 36.57
CA ASN C 14 11.01 -17.47 35.72
C ASN C 14 10.49 -17.61 34.29
N GLU C 15 9.20 -17.91 34.13
CA GLU C 15 8.61 -18.00 32.81
C GLU C 15 8.55 -16.63 32.12
N GLU C 16 8.27 -15.58 32.89
CA GLU C 16 8.28 -14.23 32.32
C GLU C 16 9.69 -13.80 31.91
N LYS C 17 10.70 -14.15 32.71
CA LYS C 17 12.08 -13.83 32.34
C LYS C 17 12.54 -14.63 31.12
N ALA C 18 12.09 -15.88 31.01
CA ALA C 18 12.42 -16.70 29.84
C ALA C 18 11.74 -16.15 28.59
N GLN C 19 10.49 -15.69 28.71
CA GLN C 19 9.82 -15.08 27.56
C GLN C 19 10.44 -13.74 27.19
N ARG C 20 10.93 -12.97 28.18
CA ARG C 20 11.60 -11.71 27.84
C ARG C 20 12.95 -11.96 27.15
N GLU C 21 13.69 -12.99 27.58
CA GLU C 21 14.94 -13.31 26.91
C GLU C 21 14.70 -13.83 25.50
N ALA C 22 13.66 -14.66 25.31
CA ALA C 22 13.30 -15.12 23.97
C ALA C 22 12.84 -13.97 23.09
N ASN C 23 12.12 -12.99 23.67
CA ASN C 23 11.68 -11.84 22.91
C ASN C 23 12.85 -10.96 22.52
N LYS C 24 13.87 -10.83 23.39
CA LYS C 24 15.06 -10.06 23.04
C LYS C 24 15.86 -10.74 21.93
N LYS C 25 15.98 -12.07 21.99
CA LYS C 25 16.66 -12.80 20.92
C LYS C 25 15.93 -12.68 19.59
N ILE C 26 14.59 -12.78 19.62
CA ILE C 26 13.81 -12.66 18.39
C ILE C 26 13.83 -11.22 17.87
N GLU C 27 13.88 -10.22 18.76
CA GLU C 27 14.00 -8.83 18.30
C GLU C 27 15.36 -8.55 17.67
N LYS C 28 16.43 -9.12 18.21
CA LYS C 28 17.74 -8.98 17.58
C LYS C 28 17.79 -9.68 16.21
N GLN C 29 17.19 -10.88 16.12
CA GLN C 29 17.15 -11.58 14.85
C GLN C 29 16.30 -10.85 13.82
N LEU C 30 15.20 -10.23 14.26
CA LEU C 30 14.36 -9.47 13.34
C LEU C 30 15.00 -8.17 12.92
N GLN C 31 15.80 -7.54 13.80
CA GLN C 31 16.55 -6.35 13.39
C GLN C 31 17.61 -6.69 12.36
N LYS C 32 18.31 -7.82 12.53
CA LYS C 32 19.28 -8.26 11.54
C LYS C 32 18.59 -8.63 10.22
N ASP C 33 17.43 -9.30 10.30
CA ASP C 33 16.68 -9.64 9.10
C ASP C 33 16.11 -8.41 8.40
N LYS C 34 15.80 -7.36 9.17
CA LYS C 34 15.37 -6.09 8.58
C LYS C 34 16.50 -5.40 7.85
N GLN C 35 17.71 -5.44 8.44
CA GLN C 35 18.88 -4.88 7.77
C GLN C 35 19.25 -5.65 6.51
N VAL C 36 18.98 -6.97 6.49
CA VAL C 36 19.18 -7.72 5.26
C VAL C 36 18.07 -7.43 4.25
N TYR C 37 16.83 -7.29 4.74
CA TYR C 37 15.67 -7.22 3.85
C TYR C 37 15.57 -5.88 3.15
N ARG C 38 15.88 -4.78 3.84
CA ARG C 38 15.73 -3.48 3.20
C ARG C 38 16.87 -3.11 2.25
N ALA C 39 17.90 -3.95 2.15
CA ALA C 39 18.99 -3.71 1.20
C ALA C 39 18.71 -4.35 -0.15
N THR C 40 18.06 -5.50 -0.18
CA THR C 40 17.77 -6.20 -1.43
C THR C 40 16.56 -5.56 -2.11
N HIS C 41 16.66 -5.42 -3.43
CA HIS C 41 15.57 -4.88 -4.25
C HIS C 41 14.94 -6.03 -5.03
N ARG C 42 13.61 -6.12 -4.97
CA ARG C 42 12.88 -7.23 -5.58
C ARG C 42 12.11 -6.76 -6.81
N LEU C 43 12.11 -7.60 -7.84
CA LEU C 43 11.52 -7.29 -9.13
C LEU C 43 10.55 -8.40 -9.52
N LEU C 44 9.52 -8.04 -10.29
CA LEU C 44 8.57 -9.02 -10.82
C LEU C 44 8.71 -9.11 -12.33
N LEU C 45 9.13 -10.27 -12.83
CA LEU C 45 9.25 -10.48 -14.26
C LEU C 45 7.93 -11.07 -14.78
N LEU C 46 7.27 -10.35 -15.69
CA LEU C 46 5.98 -10.78 -16.20
C LEU C 46 5.95 -10.60 -17.71
N GLY C 47 5.28 -11.51 -18.40
CA GLY C 47 5.16 -11.43 -19.84
C GLY C 47 4.30 -12.54 -20.37
N ALA C 48 4.22 -12.60 -21.70
CA ALA C 48 3.45 -13.63 -22.38
C ALA C 48 4.31 -14.88 -22.59
N GLY C 49 3.73 -15.88 -23.26
CA GLY C 49 4.43 -17.12 -23.50
C GLY C 49 5.45 -17.05 -24.62
N GLU C 50 5.09 -16.34 -25.69
CA GLU C 50 5.97 -16.20 -26.85
C GLU C 50 6.85 -14.96 -26.77
N SER C 51 7.02 -14.40 -25.57
CA SER C 51 7.82 -13.18 -25.42
C SER C 51 9.32 -13.47 -25.52
N GLY C 52 9.77 -14.57 -24.93
CA GLY C 52 11.18 -14.92 -24.97
C GLY C 52 11.91 -14.60 -23.68
N LYS C 53 11.27 -14.90 -22.55
CA LYS C 53 11.88 -14.67 -21.24
C LYS C 53 12.94 -15.70 -20.89
N SER C 54 13.04 -16.80 -21.63
CA SER C 54 14.03 -17.82 -21.32
C SER C 54 15.45 -17.32 -21.58
N THR C 55 15.66 -16.63 -22.71
CA THR C 55 16.95 -16.02 -22.99
C THR C 55 17.25 -14.89 -22.00
N ILE C 56 16.22 -14.22 -21.51
CA ILE C 56 16.38 -13.15 -20.53
C ILE C 56 16.86 -13.71 -19.19
N VAL C 57 16.30 -14.84 -18.75
CA VAL C 57 16.72 -15.42 -17.49
C VAL C 57 18.02 -16.22 -17.65
N LYS C 58 18.38 -16.63 -18.87
CA LYS C 58 19.67 -17.27 -19.06
C LYS C 58 20.81 -16.26 -19.18
N GLN C 59 20.53 -15.05 -19.65
CA GLN C 59 21.56 -14.01 -19.66
C GLN C 59 21.77 -13.43 -18.27
N MET C 60 20.69 -13.14 -17.56
CA MET C 60 20.78 -12.63 -16.20
C MET C 60 19.90 -13.44 -15.26
N THR C 189 7.87 -26.36 -9.81
CA THR C 189 7.85 -25.19 -8.95
C THR C 189 6.81 -24.18 -9.43
N GLY C 190 6.36 -23.33 -8.51
CA GLY C 190 5.38 -22.31 -8.86
C GLY C 190 6.00 -20.97 -9.23
N ILE C 191 7.05 -20.60 -8.51
CA ILE C 191 7.74 -19.34 -8.74
C ILE C 191 9.22 -19.67 -8.97
N PHE C 192 9.91 -18.77 -9.65
CA PHE C 192 11.32 -18.94 -10.00
C PHE C 192 12.12 -17.81 -9.40
N GLU C 193 13.18 -18.19 -8.68
CA GLU C 193 14.07 -17.29 -7.96
C GLU C 193 15.27 -16.94 -8.83
N THR C 194 15.69 -15.67 -8.78
CA THR C 194 16.92 -15.26 -9.45
C THR C 194 17.64 -14.23 -8.59
N LYS C 195 18.77 -14.61 -8.02
CA LYS C 195 19.57 -13.68 -7.20
C LYS C 195 20.78 -13.22 -7.99
N PHE C 196 20.98 -11.91 -8.08
CA PHE C 196 22.20 -11.39 -8.69
C PHE C 196 22.54 -10.05 -8.03
N GLN C 197 23.64 -9.45 -8.48
CA GLN C 197 24.08 -8.18 -7.93
C GLN C 197 24.85 -7.40 -8.98
N VAL C 198 24.66 -6.09 -8.99
CA VAL C 198 25.41 -5.15 -9.82
C VAL C 198 25.88 -4.01 -8.93
N ASP C 199 27.19 -3.80 -8.87
CA ASP C 199 27.86 -2.80 -8.03
C ASP C 199 27.51 -2.99 -6.56
N LYS C 200 27.52 -4.26 -6.12
CA LYS C 200 27.24 -4.69 -4.74
C LYS C 200 25.84 -4.25 -4.28
N VAL C 201 24.87 -4.36 -5.18
CA VAL C 201 23.48 -4.06 -4.89
C VAL C 201 22.66 -5.29 -5.26
N ASN C 202 22.06 -5.93 -4.27
CA ASN C 202 21.39 -7.20 -4.48
C ASN C 202 20.03 -7.02 -5.13
N PHE C 203 19.81 -7.72 -6.24
CA PHE C 203 18.53 -7.73 -6.93
C PHE C 203 18.01 -9.16 -6.94
N HIS C 204 16.77 -9.32 -6.50
CA HIS C 204 16.07 -10.59 -6.48
C HIS C 204 14.91 -10.50 -7.46
N MET C 205 14.97 -11.30 -8.52
CA MET C 205 13.92 -11.34 -9.53
C MET C 205 13.02 -12.55 -9.30
N PHE C 206 11.71 -12.31 -9.37
CA PHE C 206 10.68 -13.32 -9.17
C PHE C 206 9.98 -13.54 -10.50
N ASP C 207 10.01 -14.78 -11.00
CA ASP C 207 9.40 -15.14 -12.28
C ASP C 207 8.22 -16.06 -12.04
N VAL C 208 7.08 -15.74 -12.64
CA VAL C 208 5.88 -16.54 -12.45
C VAL C 208 5.94 -17.75 -13.37
N GLY C 209 5.78 -18.94 -12.80
CA GLY C 209 5.90 -20.17 -13.56
C GLY C 209 4.62 -20.96 -13.75
N ALA C 210 4.48 -22.04 -12.99
CA ALA C 210 3.37 -22.99 -13.15
C ALA C 210 2.10 -22.44 -12.50
N GLN C 211 1.52 -21.44 -13.15
CA GLN C 211 0.24 -20.86 -12.75
C GLN C 211 -0.73 -20.94 -13.93
N ARG C 212 -1.94 -20.48 -13.69
CA ARG C 212 -2.98 -20.44 -14.71
C ARG C 212 -3.07 -19.04 -15.30
N ASP C 213 -4.01 -18.86 -16.22
CA ASP C 213 -4.19 -17.57 -16.87
C ASP C 213 -4.97 -16.59 -15.99
N GLU C 214 -5.59 -17.08 -14.93
CA GLU C 214 -6.38 -16.24 -14.02
C GLU C 214 -5.42 -15.42 -13.17
N ARG C 215 -5.17 -14.17 -13.57
CA ARG C 215 -4.18 -13.33 -12.92
C ARG C 215 -4.76 -12.33 -11.93
N ARG C 216 -6.07 -12.29 -11.75
CA ARG C 216 -6.68 -11.20 -10.99
C ARG C 216 -6.60 -11.39 -9.48
N LYS C 217 -6.02 -12.47 -8.98
CA LYS C 217 -6.00 -12.73 -7.55
C LYS C 217 -4.60 -12.72 -6.94
N TRP C 218 -3.58 -13.19 -7.66
CA TRP C 218 -2.24 -13.22 -7.11
C TRP C 218 -1.38 -12.03 -7.53
N ILE C 219 -1.81 -11.25 -8.53
CA ILE C 219 -1.05 -10.06 -8.93
C ILE C 219 -1.19 -8.96 -7.88
N GLN C 220 -2.16 -9.07 -6.97
CA GLN C 220 -2.24 -8.18 -5.82
C GLN C 220 -1.16 -8.47 -4.79
N CYS C 221 -0.53 -9.65 -4.86
CA CYS C 221 0.54 -9.97 -3.93
C CYS C 221 1.80 -9.18 -4.23
N PHE C 222 2.01 -8.78 -5.47
CA PHE C 222 3.19 -8.02 -5.89
C PHE C 222 2.94 -6.53 -5.83
N ASN C 223 2.53 -6.03 -4.66
CA ASN C 223 2.22 -4.62 -4.48
C ASN C 223 3.35 -3.82 -3.84
N ASP C 224 4.34 -4.48 -3.26
CA ASP C 224 5.46 -3.80 -2.62
C ASP C 224 6.77 -3.99 -3.39
N VAL C 225 6.71 -4.55 -4.59
CA VAL C 225 7.91 -4.65 -5.42
C VAL C 225 8.25 -3.28 -5.98
N THR C 226 9.51 -3.13 -6.39
CA THR C 226 9.96 -1.84 -6.90
C THR C 226 9.67 -1.68 -8.39
N ALA C 227 9.58 -2.77 -9.14
CA ALA C 227 9.36 -2.69 -10.58
C ALA C 227 8.75 -3.98 -11.09
N ILE C 228 7.87 -3.83 -12.08
CA ILE C 228 7.33 -4.95 -12.84
C ILE C 228 7.98 -4.89 -14.22
N ILE C 229 8.91 -5.79 -14.48
CA ILE C 229 9.58 -5.90 -15.77
C ILE C 229 8.62 -6.64 -16.69
N PHE C 230 7.96 -5.89 -17.58
CA PHE C 230 6.94 -6.43 -18.47
C PHE C 230 7.57 -6.62 -19.84
N VAL C 231 7.82 -7.88 -20.19
CA VAL C 231 8.55 -8.24 -21.40
C VAL C 231 7.57 -8.83 -22.40
N VAL C 232 7.45 -8.20 -23.58
CA VAL C 232 6.63 -8.72 -24.66
C VAL C 232 7.44 -8.68 -25.95
N ALA C 233 7.01 -9.48 -26.92
CA ALA C 233 7.65 -9.59 -28.21
C ALA C 233 6.76 -9.02 -29.30
N SER C 234 7.36 -8.26 -30.21
CA SER C 234 6.63 -7.68 -31.33
C SER C 234 6.45 -8.72 -32.41
N SER C 235 5.20 -9.00 -32.77
CA SER C 235 4.90 -9.99 -33.80
C SER C 235 4.07 -9.39 -34.92
N GLN C 246 -1.87 -17.41 -36.69
CA GLN C 246 -1.73 -17.25 -35.25
C GLN C 246 -2.59 -16.08 -34.75
N THR C 247 -2.89 -16.09 -33.45
CA THR C 247 -3.71 -15.05 -32.85
C THR C 247 -2.92 -13.76 -32.67
N ASN C 248 -3.64 -12.68 -32.42
CA ASN C 248 -3.03 -11.37 -32.24
C ASN C 248 -2.42 -11.29 -30.85
N ARG C 249 -1.10 -11.08 -30.79
CA ARG C 249 -0.38 -11.05 -29.53
C ARG C 249 -0.21 -9.64 -28.97
N LEU C 250 -0.07 -8.64 -29.86
CA LEU C 250 0.17 -7.28 -29.41
C LEU C 250 -1.08 -6.67 -28.79
N GLN C 251 -2.27 -7.04 -29.27
CA GLN C 251 -3.50 -6.53 -28.67
C GLN C 251 -3.73 -7.13 -27.29
N GLU C 252 -3.37 -8.41 -27.12
CA GLU C 252 -3.43 -9.03 -25.80
C GLU C 252 -2.42 -8.40 -24.85
N ALA C 253 -1.24 -8.05 -25.36
CA ALA C 253 -0.24 -7.37 -24.54
C ALA C 253 -0.70 -5.97 -24.14
N LEU C 254 -1.35 -5.25 -25.06
CA LEU C 254 -1.89 -3.93 -24.74
C LEU C 254 -3.02 -4.01 -23.73
N ASN C 255 -3.88 -5.04 -23.85
CA ASN C 255 -4.96 -5.20 -22.87
C ASN C 255 -4.43 -5.60 -21.50
N LEU C 256 -3.36 -6.41 -21.46
CA LEU C 256 -2.76 -6.78 -20.19
C LEU C 256 -2.07 -5.59 -19.53
N PHE C 257 -1.37 -4.77 -20.33
CA PHE C 257 -0.75 -3.56 -19.78
C PHE C 257 -1.78 -2.53 -19.35
N LYS C 258 -2.93 -2.47 -20.04
CA LYS C 258 -4.01 -1.58 -19.64
C LYS C 258 -4.65 -2.05 -18.33
N SER C 259 -4.76 -3.36 -18.15
CA SER C 259 -5.34 -3.88 -16.90
C SER C 259 -4.37 -3.75 -15.73
N ILE C 260 -3.06 -3.87 -15.98
CA ILE C 260 -2.08 -3.67 -14.92
C ILE C 260 -1.98 -2.20 -14.54
N TRP C 261 -1.98 -1.31 -15.55
CA TRP C 261 -1.78 0.12 -15.30
C TRP C 261 -2.97 0.75 -14.61
N ASN C 262 -4.17 0.23 -14.85
CA ASN C 262 -5.40 0.78 -14.29
C ASN C 262 -5.93 -0.03 -13.10
N ASN C 263 -5.10 -0.88 -12.52
CA ASN C 263 -5.53 -1.65 -11.36
C ASN C 263 -5.60 -0.74 -10.14
N ARG C 264 -6.43 -1.14 -9.17
CA ARG C 264 -6.62 -0.33 -7.98
C ARG C 264 -5.39 -0.36 -7.07
N TRP C 265 -4.77 -1.54 -6.94
CA TRP C 265 -3.64 -1.70 -6.03
C TRP C 265 -2.29 -1.58 -6.73
N LEU C 266 -2.27 -1.48 -8.06
CA LEU C 266 -1.03 -1.35 -8.81
C LEU C 266 -0.82 0.08 -9.30
N ARG C 267 -1.26 1.07 -8.53
CA ARG C 267 -1.10 2.47 -8.87
C ARG C 267 0.22 3.06 -8.38
N THR C 268 1.00 2.30 -7.61
CA THR C 268 2.24 2.81 -7.05
C THR C 268 3.47 2.13 -7.65
N ILE C 269 3.29 0.98 -8.29
CA ILE C 269 4.39 0.17 -8.79
C ILE C 269 4.64 0.56 -10.24
N SER C 270 5.91 0.82 -10.56
CA SER C 270 6.28 1.23 -11.91
C SER C 270 6.55 0.01 -12.79
N VAL C 271 6.28 0.16 -14.07
CA VAL C 271 6.41 -0.91 -15.05
C VAL C 271 7.56 -0.57 -15.99
N ILE C 272 8.52 -1.47 -16.10
CA ILE C 272 9.64 -1.33 -17.03
C ILE C 272 9.32 -2.17 -18.25
N LEU C 273 9.07 -1.51 -19.39
CA LEU C 273 8.65 -2.20 -20.59
C LEU C 273 9.84 -2.72 -21.38
N PHE C 274 9.69 -3.90 -21.97
CA PHE C 274 10.70 -4.48 -22.85
C PHE C 274 10.04 -5.04 -24.11
N LEU C 275 10.54 -4.61 -25.26
CA LEU C 275 10.15 -5.14 -26.55
C LEU C 275 11.30 -6.03 -27.03
N ASN C 276 11.04 -7.33 -27.08
CA ASN C 276 12.12 -8.33 -27.17
C ASN C 276 12.51 -8.61 -28.62
N LYS C 277 11.57 -9.07 -29.44
CA LYS C 277 11.89 -9.55 -30.78
C LYS C 277 11.85 -8.41 -31.77
N GLN C 278 13.02 -7.81 -31.99
CA GLN C 278 13.20 -6.76 -32.98
C GLN C 278 13.72 -7.31 -34.30
N ASP C 279 14.48 -8.39 -34.25
CA ASP C 279 14.96 -9.05 -35.47
C ASP C 279 13.81 -9.73 -36.20
N LEU C 280 12.84 -10.28 -35.44
CA LEU C 280 11.63 -10.81 -36.06
C LEU C 280 10.80 -9.71 -36.70
N LEU C 281 10.81 -8.50 -36.13
CA LEU C 281 10.13 -7.37 -36.75
C LEU C 281 10.85 -6.96 -38.03
N ALA C 282 12.19 -7.04 -38.04
CA ALA C 282 12.93 -6.70 -39.24
C ALA C 282 12.77 -7.76 -40.33
N GLU C 283 12.55 -9.02 -39.94
CA GLU C 283 12.38 -10.08 -40.93
C GLU C 283 10.96 -10.16 -41.46
N LYS C 284 9.95 -9.86 -40.64
CA LYS C 284 8.56 -9.95 -41.07
C LYS C 284 8.07 -8.69 -41.78
N VAL C 285 8.89 -7.63 -41.86
CA VAL C 285 8.49 -6.43 -42.58
C VAL C 285 8.83 -6.52 -44.06
N LEU C 286 9.64 -7.50 -44.47
CA LEU C 286 10.04 -7.63 -45.86
C LEU C 286 8.93 -8.26 -46.70
N ALA C 287 8.52 -9.47 -46.35
CA ALA C 287 7.47 -10.17 -47.09
C ALA C 287 6.09 -9.79 -46.55
N LYS C 291 3.06 -7.71 -41.51
CA LYS C 291 1.73 -8.07 -41.06
C LYS C 291 1.24 -7.13 -39.97
N ILE C 292 1.99 -6.04 -39.73
CA ILE C 292 1.63 -5.06 -38.71
C ILE C 292 0.63 -4.05 -39.24
N GLU C 293 0.44 -3.97 -40.56
CA GLU C 293 -0.53 -3.06 -41.15
C GLU C 293 -1.93 -3.68 -41.22
N ASP C 294 -2.03 -5.00 -41.02
CA ASP C 294 -3.35 -5.64 -41.07
C ASP C 294 -4.10 -5.43 -39.77
N TYR C 295 -3.44 -5.66 -38.64
CA TYR C 295 -4.09 -5.53 -37.34
C TYR C 295 -4.26 -4.09 -36.90
N PHE C 296 -3.56 -3.14 -37.52
CA PHE C 296 -3.66 -1.73 -37.16
C PHE C 296 -3.89 -0.92 -38.44
N PRO C 297 -5.04 -0.26 -38.59
CA PRO C 297 -5.26 0.56 -39.79
C PRO C 297 -4.60 1.92 -39.72
N GLU C 298 -4.11 2.33 -38.56
CA GLU C 298 -3.45 3.61 -38.38
C GLU C 298 -1.95 3.53 -38.57
N PHE C 299 -1.44 2.39 -39.08
CA PHE C 299 -0.02 2.26 -39.31
C PHE C 299 0.41 3.01 -40.57
N ALA C 300 -0.45 3.07 -41.59
CA ALA C 300 -0.11 3.82 -42.80
C ALA C 300 -0.20 5.32 -42.55
N ARG C 301 -1.18 5.75 -41.76
CA ARG C 301 -1.36 7.16 -41.43
C ARG C 301 -0.66 7.48 -40.11
N TYR C 302 0.67 7.37 -40.13
CA TYR C 302 1.48 7.60 -38.95
C TYR C 302 2.82 8.20 -39.36
N THR C 303 3.25 9.22 -38.63
CA THR C 303 4.50 9.91 -38.91
C THR C 303 5.58 9.44 -37.94
N THR C 304 6.83 9.45 -38.43
CA THR C 304 7.95 9.03 -37.60
C THR C 304 8.29 10.13 -36.60
N PRO C 305 8.43 9.81 -35.31
CA PRO C 305 8.79 10.85 -34.33
C PRO C 305 10.25 11.29 -34.51
N GLU C 306 10.44 12.60 -34.57
CA GLU C 306 11.76 13.17 -34.78
C GLU C 306 12.48 13.52 -33.48
N ASP C 307 11.82 13.36 -32.34
CA ASP C 307 12.42 13.72 -31.05
C ASP C 307 13.35 12.64 -30.49
N ALA C 308 13.45 11.49 -31.16
CA ALA C 308 14.35 10.42 -30.73
C ALA C 308 15.31 10.07 -31.85
N THR C 309 16.49 9.59 -31.46
CA THR C 309 17.53 9.23 -32.43
C THR C 309 17.47 7.74 -32.71
N PRO C 310 17.18 7.33 -33.94
CA PRO C 310 17.17 5.90 -34.27
C PRO C 310 18.57 5.38 -34.55
N GLU C 311 18.69 4.05 -34.50
CA GLU C 311 19.96 3.40 -34.78
C GLU C 311 20.25 3.42 -36.29
N PRO C 312 21.49 3.65 -36.69
CA PRO C 312 21.82 3.68 -38.12
C PRO C 312 21.86 2.29 -38.73
N GLY C 313 21.78 2.25 -40.05
CA GLY C 313 21.80 1.00 -40.78
C GLY C 313 20.53 0.18 -40.66
N GLU C 314 19.38 0.83 -40.54
CA GLU C 314 18.09 0.16 -40.40
C GLU C 314 17.11 0.74 -41.40
N ASP C 315 16.10 -0.08 -41.74
CA ASP C 315 15.05 0.37 -42.63
C ASP C 315 14.14 1.39 -41.92
N PRO C 316 13.57 2.34 -42.67
CA PRO C 316 12.63 3.28 -42.04
C PRO C 316 11.35 2.64 -41.55
N ARG C 317 10.90 1.56 -42.20
CA ARG C 317 9.69 0.88 -41.76
C ARG C 317 9.89 0.16 -40.43
N VAL C 318 11.10 -0.33 -40.17
CA VAL C 318 11.38 -1.05 -38.93
C VAL C 318 11.33 -0.10 -37.74
N THR C 319 12.03 1.04 -37.83
CA THR C 319 12.01 2.01 -36.74
C THR C 319 10.65 2.71 -36.66
N ARG C 320 9.95 2.83 -37.79
CA ARG C 320 8.60 3.40 -37.79
C ARG C 320 7.63 2.50 -37.02
N ALA C 321 7.75 1.18 -37.21
CA ALA C 321 6.93 0.24 -36.44
C ALA C 321 7.35 0.20 -34.98
N LYS C 322 8.65 0.38 -34.71
CA LYS C 322 9.15 0.42 -33.33
C LYS C 322 8.53 1.58 -32.55
N TYR C 323 8.63 2.79 -33.11
CA TYR C 323 8.05 3.94 -32.43
C TYR C 323 6.53 3.96 -32.50
N PHE C 324 5.92 3.25 -33.46
CA PHE C 324 4.47 3.11 -33.45
C PHE C 324 4.00 2.23 -32.29
N ILE C 325 4.70 1.12 -32.04
CA ILE C 325 4.37 0.28 -30.89
C ILE C 325 4.65 1.02 -29.59
N ARG C 326 5.74 1.81 -29.56
CA ARG C 326 6.06 2.63 -28.40
C ARG C 326 4.96 3.65 -28.11
N ASP C 327 4.46 4.33 -29.14
CA ASP C 327 3.37 5.28 -28.95
C ASP C 327 2.06 4.60 -28.60
N GLU C 328 1.84 3.37 -29.10
CA GLU C 328 0.65 2.61 -28.69
C GLU C 328 0.69 2.25 -27.21
N PHE C 329 1.88 1.99 -26.66
CA PHE C 329 1.95 1.78 -25.21
C PHE C 329 1.87 3.10 -24.45
N LEU C 330 2.48 4.17 -24.96
CA LEU C 330 2.46 5.46 -24.27
C LEU C 330 1.13 6.19 -24.38
N ARG C 331 0.22 5.78 -25.27
CA ARG C 331 -1.11 6.36 -25.29
C ARG C 331 -1.91 5.97 -24.06
N ILE C 332 -1.92 4.66 -23.74
CA ILE C 332 -2.58 4.21 -22.52
C ILE C 332 -1.71 4.36 -21.29
N SER C 333 -0.42 4.63 -21.46
CA SER C 333 0.44 4.89 -20.30
C SER C 333 0.28 6.31 -19.79
N THR C 334 0.22 7.30 -20.69
CA THR C 334 0.16 8.71 -20.33
C THR C 334 -1.28 9.22 -20.38
N ALA C 335 -2.23 8.37 -19.99
CA ALA C 335 -3.63 8.73 -19.95
C ALA C 335 -4.11 9.05 -18.54
N SER C 336 -3.83 8.17 -17.58
CA SER C 336 -4.26 8.33 -16.20
C SER C 336 -3.12 7.99 -15.25
N GLY C 337 -1.91 8.47 -15.56
CA GLY C 337 -0.77 8.19 -14.72
C GLY C 337 -0.76 9.03 -13.46
N ASP C 338 -0.90 10.35 -13.62
CA ASP C 338 -1.02 11.34 -12.53
C ASP C 338 0.21 11.35 -11.60
N GLY C 339 1.38 11.00 -12.15
CA GLY C 339 2.63 11.21 -11.46
C GLY C 339 2.98 10.25 -10.35
N ARG C 340 2.06 9.38 -9.92
CA ARG C 340 2.36 8.45 -8.82
C ARG C 340 3.14 7.24 -9.29
N HIS C 341 3.01 6.85 -10.57
CA HIS C 341 3.74 5.72 -11.11
C HIS C 341 3.99 5.96 -12.60
N TYR C 342 5.15 5.54 -13.07
CA TYR C 342 5.62 5.83 -14.41
C TYR C 342 5.94 4.55 -15.17
N CYS C 343 6.16 4.70 -16.48
CA CYS C 343 6.51 3.59 -17.36
C CYS C 343 7.79 3.94 -18.09
N TYR C 344 8.61 2.93 -18.34
CA TYR C 344 9.91 3.10 -18.98
C TYR C 344 10.02 2.16 -20.17
N PRO C 345 9.72 2.62 -21.38
CA PRO C 345 9.88 1.76 -22.56
C PRO C 345 11.33 1.63 -22.98
N HIS C 346 11.66 0.45 -23.50
CA HIS C 346 13.01 0.13 -23.94
C HIS C 346 12.95 -0.76 -25.16
N PHE C 347 14.09 -0.88 -25.85
CA PHE C 347 14.22 -1.72 -27.03
C PHE C 347 15.41 -2.65 -26.82
N THR C 348 15.16 -3.96 -26.82
CA THR C 348 16.21 -4.94 -26.63
C THR C 348 16.18 -5.96 -27.78
N CYS C 349 17.24 -6.76 -27.83
CA CYS C 349 17.41 -7.82 -28.82
C CYS C 349 17.67 -9.13 -28.08
N SER C 350 18.03 -10.16 -28.84
CA SER C 350 18.28 -11.48 -28.26
C SER C 350 19.62 -11.52 -27.52
N VAL C 351 20.71 -11.26 -28.22
CA VAL C 351 22.05 -11.32 -27.63
C VAL C 351 22.44 -9.89 -27.27
N ASP C 352 22.12 -9.50 -26.03
CA ASP C 352 22.44 -8.17 -25.49
C ASP C 352 22.62 -8.30 -23.99
N THR C 353 23.77 -7.86 -23.49
CA THR C 353 24.08 -7.89 -22.06
C THR C 353 23.97 -6.53 -21.42
N GLU C 354 23.42 -5.54 -22.14
CA GLU C 354 23.25 -4.19 -21.63
C GLU C 354 21.89 -3.99 -20.96
N ASN C 355 21.11 -5.05 -20.78
CA ASN C 355 19.78 -4.93 -20.19
C ASN C 355 19.85 -4.75 -18.68
N ILE C 356 20.86 -5.33 -18.04
CA ILE C 356 20.97 -5.29 -16.59
C ILE C 356 21.27 -3.87 -16.13
N ARG C 357 22.08 -3.15 -16.91
CA ARG C 357 22.36 -1.74 -16.61
C ARG C 357 21.13 -0.88 -16.82
N ARG C 358 20.29 -1.23 -17.80
CA ARG C 358 19.03 -0.51 -18.01
C ARG C 358 18.07 -0.71 -16.84
N VAL C 359 17.96 -1.94 -16.35
CA VAL C 359 17.11 -2.22 -15.19
C VAL C 359 17.66 -1.53 -13.94
N PHE C 360 19.00 -1.49 -13.81
CA PHE C 360 19.65 -0.81 -12.69
C PHE C 360 19.36 0.69 -12.69
N ASN C 361 19.52 1.34 -13.85
CA ASN C 361 19.28 2.77 -13.95
C ASN C 361 17.79 3.10 -13.79
N ASP C 362 16.91 2.24 -14.30
CA ASP C 362 15.48 2.49 -14.17
C ASP C 362 15.01 2.33 -12.73
N CYS C 363 15.52 1.33 -12.01
CA CYS C 363 15.17 1.19 -10.60
C CYS C 363 15.75 2.32 -9.76
N ARG C 364 16.94 2.83 -10.15
CA ARG C 364 17.48 4.02 -9.49
C ARG C 364 16.58 5.23 -9.71
N ASP C 365 16.05 5.39 -10.93
CA ASP C 365 15.13 6.48 -11.22
C ASP C 365 13.82 6.34 -10.43
N ILE C 366 13.35 5.10 -10.27
CA ILE C 366 12.13 4.84 -9.50
C ILE C 366 12.32 5.21 -8.03
N ILE C 367 13.45 4.82 -7.43
CA ILE C 367 13.69 5.12 -6.02
C ILE C 367 13.93 6.62 -5.82
N GLN C 368 14.58 7.29 -6.79
CA GLN C 368 14.76 8.74 -6.68
C GLN C 368 13.43 9.49 -6.78
N ARG C 369 12.53 9.04 -7.67
CA ARG C 369 11.22 9.67 -7.75
C ARG C 369 10.38 9.37 -6.51
N MET C 370 10.58 8.21 -5.88
CA MET C 370 9.89 7.91 -4.63
C MET C 370 10.38 8.82 -3.50
N HIS C 371 11.69 9.04 -3.39
CA HIS C 371 12.20 9.93 -2.36
C HIS C 371 11.84 11.39 -2.63
N LEU C 372 11.70 11.79 -3.89
CA LEU C 372 11.21 13.14 -4.17
C LEU C 372 9.72 13.25 -3.89
N ARG C 373 8.97 12.14 -4.00
CA ARG C 373 7.56 12.17 -3.65
C ARG C 373 7.37 12.26 -2.14
N GLN C 374 8.24 11.60 -1.36
CA GLN C 374 8.10 11.63 0.09
C GLN C 374 8.44 12.99 0.69
N TYR C 375 9.29 13.77 0.03
CA TYR C 375 9.62 15.12 0.48
C TYR C 375 8.68 16.18 -0.09
N GLU C 376 7.73 15.78 -0.95
CA GLU C 376 6.77 16.67 -1.61
C GLU C 376 7.51 17.76 -2.41
N LEU C 377 8.57 17.35 -3.10
CA LEU C 377 9.32 18.23 -3.99
C LEU C 377 8.88 18.07 -5.44
N LEU C 378 8.79 16.85 -5.92
CA LEU C 378 8.33 16.57 -7.28
C LEU C 378 6.82 16.41 -7.31
N GLU D 8 -24.51 -33.19 -29.72
CA GLU D 8 -24.38 -33.87 -28.44
C GLU D 8 -24.28 -32.86 -27.29
N LEU D 9 -23.87 -31.64 -27.61
CA LEU D 9 -23.73 -30.59 -26.61
C LEU D 9 -25.02 -29.80 -26.38
N ASP D 10 -25.84 -29.63 -27.44
CA ASP D 10 -27.05 -28.82 -27.32
C ASP D 10 -28.09 -29.51 -26.43
N GLN D 11 -28.22 -30.83 -26.56
CA GLN D 11 -29.18 -31.56 -25.73
C GLN D 11 -28.75 -31.58 -24.27
N LEU D 12 -27.45 -31.70 -24.00
CA LEU D 12 -26.97 -31.68 -22.63
C LEU D 12 -27.09 -30.30 -22.00
N ARG D 13 -26.85 -29.24 -22.79
CA ARG D 13 -27.02 -27.89 -22.26
C ARG D 13 -28.48 -27.55 -22.02
N GLN D 14 -29.38 -28.03 -22.89
CA GLN D 14 -30.80 -27.81 -22.64
C GLN D 14 -31.31 -28.63 -21.45
N GLU D 15 -30.78 -29.84 -21.26
CA GLU D 15 -31.14 -30.63 -20.09
C GLU D 15 -30.63 -29.98 -18.81
N ALA D 16 -29.42 -29.40 -18.85
CA ALA D 16 -28.89 -28.67 -17.70
C ALA D 16 -29.71 -27.41 -17.41
N GLU D 17 -30.18 -26.72 -18.46
CA GLU D 17 -31.05 -25.56 -18.26
C GLU D 17 -32.40 -25.96 -17.66
N GLN D 18 -32.95 -27.09 -18.09
CA GLN D 18 -34.20 -27.57 -17.52
C GLN D 18 -34.02 -27.98 -16.06
N LEU D 19 -32.89 -28.60 -15.73
CA LEU D 19 -32.64 -28.96 -14.33
C LEU D 19 -32.40 -27.73 -13.46
N LYS D 20 -31.74 -26.71 -14.00
CA LYS D 20 -31.58 -25.45 -13.27
C LYS D 20 -32.91 -24.74 -13.08
N ASN D 21 -33.81 -24.84 -14.07
CA ASN D 21 -35.14 -24.26 -13.93
C ASN D 21 -35.96 -25.01 -12.89
N GLN D 22 -35.80 -26.34 -12.81
CA GLN D 22 -36.48 -27.11 -11.78
C GLN D 22 -35.96 -26.77 -10.38
N ILE D 23 -34.64 -26.58 -10.25
CA ILE D 23 -34.06 -26.18 -8.98
C ILE D 23 -34.53 -24.77 -8.58
N ARG D 24 -34.62 -23.86 -9.55
CA ARG D 24 -35.08 -22.50 -9.26
C ARG D 24 -36.56 -22.48 -8.88
N ASP D 25 -37.37 -23.32 -9.54
CA ASP D 25 -38.79 -23.39 -9.19
C ASP D 25 -38.99 -24.03 -7.82
N ALA D 26 -38.15 -25.01 -7.46
CA ALA D 26 -38.24 -25.61 -6.13
C ALA D 26 -37.80 -24.63 -5.05
N ARG D 27 -36.77 -23.82 -5.33
CA ARG D 27 -36.35 -22.81 -4.36
C ARG D 27 -37.37 -21.69 -4.23
N LYS D 28 -38.08 -21.36 -5.30
CA LYS D 28 -39.17 -20.39 -5.18
C LYS D 28 -40.38 -20.97 -4.47
N ALA D 29 -40.64 -22.27 -4.63
CA ALA D 29 -41.77 -22.88 -3.96
C ALA D 29 -41.51 -23.08 -2.47
N CYS D 30 -40.25 -23.33 -2.10
CA CYS D 30 -39.89 -23.49 -0.69
C CYS D 30 -39.67 -22.17 0.04
N ALA D 31 -39.73 -21.04 -0.67
CA ALA D 31 -39.53 -19.72 -0.06
C ALA D 31 -40.85 -19.25 0.54
N ASP D 32 -41.00 -19.42 1.85
CA ASP D 32 -42.24 -19.00 2.50
C ASP D 32 -42.25 -17.51 2.79
N ALA D 33 -41.30 -17.04 3.60
CA ALA D 33 -41.23 -15.63 3.98
C ALA D 33 -39.78 -15.27 4.25
N THR D 34 -39.48 -13.97 4.10
CA THR D 34 -38.12 -13.50 4.31
C THR D 34 -37.84 -13.32 5.80
N LEU D 35 -36.56 -13.11 6.12
CA LEU D 35 -36.16 -12.93 7.51
C LEU D 35 -36.39 -11.50 7.99
N SER D 36 -36.25 -10.52 7.09
CA SER D 36 -36.45 -9.11 7.46
C SER D 36 -37.91 -8.80 7.77
N GLN D 37 -38.85 -9.60 7.25
CA GLN D 37 -40.26 -9.42 7.58
C GLN D 37 -40.57 -9.94 8.98
N ILE D 38 -39.91 -11.01 9.42
CA ILE D 38 -40.19 -11.61 10.71
C ILE D 38 -39.27 -11.14 11.83
N THR D 39 -38.22 -10.38 11.52
CA THR D 39 -37.35 -9.82 12.54
C THR D 39 -37.68 -8.36 12.84
N ASN D 40 -38.96 -7.99 12.80
CA ASN D 40 -39.34 -6.62 13.15
C ASN D 40 -39.47 -6.43 14.65
N ASN D 41 -39.83 -7.49 15.38
CA ASN D 41 -40.01 -7.42 16.83
C ASN D 41 -38.73 -7.71 17.62
N ILE D 42 -37.60 -7.82 16.95
CA ILE D 42 -36.33 -8.15 17.58
C ILE D 42 -35.67 -6.87 18.09
N ASP D 43 -35.20 -6.90 19.33
CA ASP D 43 -34.50 -5.75 19.91
C ASP D 43 -33.16 -5.57 19.21
N PRO D 44 -32.85 -4.38 18.70
CA PRO D 44 -31.56 -4.19 18.02
C PRO D 44 -30.40 -4.16 19.00
N VAL D 45 -29.20 -4.29 18.42
CA VAL D 45 -27.98 -4.40 19.23
C VAL D 45 -27.58 -3.03 19.79
N GLY D 46 -27.44 -2.04 18.91
CA GLY D 46 -27.00 -0.72 19.33
C GLY D 46 -25.56 -0.43 18.95
N ARG D 47 -25.02 0.61 19.57
CA ARG D 47 -23.65 1.03 19.30
C ARG D 47 -22.65 0.07 19.92
N ILE D 48 -21.72 -0.41 19.11
CA ILE D 48 -20.66 -1.31 19.57
C ILE D 48 -19.36 -0.52 19.57
N GLN D 49 -18.78 -0.37 20.76
CA GLN D 49 -17.52 0.35 20.94
C GLN D 49 -16.43 -0.67 21.25
N MET D 50 -15.54 -0.88 20.29
CA MET D 50 -14.39 -1.77 20.44
C MET D 50 -13.13 -0.95 20.29
N ARG D 51 -12.26 -0.99 21.30
CA ARG D 51 -11.02 -0.26 21.29
C ARG D 51 -9.84 -1.20 21.06
N THR D 52 -8.74 -0.63 20.57
CA THR D 52 -7.52 -1.39 20.31
C THR D 52 -6.78 -1.59 21.63
N ARG D 53 -6.85 -2.79 22.18
CA ARG D 53 -6.17 -3.08 23.43
C ARG D 53 -4.67 -3.29 23.22
N ARG D 54 -4.32 -4.26 22.38
CA ARG D 54 -2.94 -4.55 22.05
C ARG D 54 -2.66 -4.19 20.60
N THR D 55 -1.40 -3.88 20.31
CA THR D 55 -0.95 -3.61 18.94
C THR D 55 0.37 -4.35 18.71
N LEU D 56 0.34 -5.32 17.80
CA LEU D 56 1.46 -6.21 17.57
C LEU D 56 2.24 -5.72 16.36
N ARG D 57 3.42 -5.17 16.59
CA ARG D 57 4.26 -4.60 15.54
C ARG D 57 5.62 -5.32 15.49
N GLY D 58 5.72 -6.33 14.64
CA GLY D 58 6.97 -7.03 14.46
C GLY D 58 7.24 -7.46 13.03
N HIS D 59 6.32 -7.14 12.12
CA HIS D 59 6.44 -7.53 10.73
C HIS D 59 6.97 -6.38 9.88
N LEU D 60 7.53 -6.73 8.73
CA LEU D 60 8.09 -5.78 7.79
C LEU D 60 7.23 -5.57 6.56
N ALA D 61 6.87 -6.66 5.86
CA ALA D 61 6.00 -6.59 4.71
C ALA D 61 4.56 -6.73 5.17
N LYS D 62 3.64 -6.90 4.24
CA LYS D 62 2.22 -6.92 4.57
C LYS D 62 1.82 -8.26 5.21
N ILE D 63 1.07 -8.17 6.30
CA ILE D 63 0.55 -9.37 6.94
C ILE D 63 -0.61 -9.89 6.10
N TYR D 64 -0.50 -11.11 5.61
CA TYR D 64 -1.49 -11.58 4.64
C TYR D 64 -2.53 -12.52 5.26
N ALA D 65 -2.18 -13.22 6.33
CA ALA D 65 -3.11 -14.16 6.95
C ALA D 65 -2.73 -14.35 8.41
N MET D 66 -3.72 -14.80 9.21
CA MET D 66 -3.48 -15.15 10.60
C MET D 66 -4.47 -16.23 11.00
N HIS D 67 -4.21 -16.84 12.16
CA HIS D 67 -5.12 -17.85 12.73
C HIS D 67 -4.90 -17.90 14.23
N TRP D 68 -6.01 -17.99 14.97
CA TRP D 68 -5.95 -18.10 16.43
C TRP D 68 -5.70 -19.54 16.86
N GLY D 69 -5.19 -19.68 18.10
CA GLY D 69 -5.00 -20.98 18.69
C GLY D 69 -6.24 -21.50 19.40
N THR D 70 -6.13 -22.74 19.88
CA THR D 70 -7.24 -23.36 20.60
C THR D 70 -7.30 -22.89 22.05
N ASP D 71 -6.15 -22.53 22.63
CA ASP D 71 -6.10 -22.05 24.00
C ASP D 71 -6.35 -20.55 24.13
N SER D 72 -6.69 -19.88 23.01
CA SER D 72 -7.08 -18.46 22.95
C SER D 72 -5.98 -17.52 23.43
N ARG D 73 -4.72 -17.95 23.36
CA ARG D 73 -3.61 -17.16 23.89
C ARG D 73 -2.58 -16.85 22.82
N LEU D 74 -2.16 -17.83 22.03
CA LEU D 74 -1.15 -17.64 20.99
C LEU D 74 -1.82 -17.54 19.63
N LEU D 75 -1.14 -16.86 18.69
CA LEU D 75 -1.67 -16.73 17.34
C LEU D 75 -0.55 -16.61 16.33
N VAL D 76 -0.72 -17.23 15.16
CA VAL D 76 0.25 -17.13 14.09
C VAL D 76 -0.04 -15.89 13.25
N SER D 77 0.98 -15.43 12.54
CA SER D 77 0.81 -14.34 11.57
C SER D 77 1.88 -14.48 10.51
N ALA D 78 1.46 -14.57 9.25
CA ALA D 78 2.36 -14.73 8.12
C ALA D 78 2.48 -13.42 7.34
N SER D 79 3.71 -13.06 6.99
CA SER D 79 3.96 -11.87 6.19
C SER D 79 4.67 -12.28 4.91
N GLN D 80 4.74 -11.37 3.96
CA GLN D 80 5.35 -11.66 2.67
C GLN D 80 6.82 -11.25 2.60
N ASP D 81 7.44 -10.95 3.74
CA ASP D 81 8.89 -10.77 3.77
C ASP D 81 9.65 -12.07 3.98
N GLY D 82 8.94 -13.15 4.33
CA GLY D 82 9.56 -14.42 4.61
C GLY D 82 9.54 -14.74 6.09
N LYS D 83 8.49 -14.31 6.77
CA LYS D 83 8.37 -14.48 8.22
C LYS D 83 7.02 -15.05 8.59
N LEU D 84 7.03 -15.95 9.57
CA LEU D 84 5.83 -16.51 10.18
C LEU D 84 6.03 -16.40 11.69
N ILE D 85 5.43 -15.39 12.30
CA ILE D 85 5.66 -15.08 13.71
C ILE D 85 4.51 -15.60 14.54
N ILE D 86 4.82 -16.36 15.57
CA ILE D 86 3.85 -16.85 16.54
C ILE D 86 3.90 -15.90 17.74
N TRP D 87 2.84 -15.12 17.89
CA TRP D 87 2.69 -14.07 18.89
C TRP D 87 1.95 -14.60 20.12
N ASP D 88 2.22 -13.97 21.26
CA ASP D 88 1.42 -14.12 22.46
C ASP D 88 0.51 -12.91 22.58
N SER D 89 -0.79 -13.15 22.71
CA SER D 89 -1.75 -12.05 22.69
C SER D 89 -1.88 -11.36 24.05
N TYR D 90 -1.58 -12.08 25.14
CA TYR D 90 -1.78 -11.52 26.48
C TYR D 90 -0.62 -10.61 26.89
N THR D 91 0.60 -11.11 26.77
CA THR D 91 1.78 -10.41 27.27
C THR D 91 2.61 -9.76 26.17
N THR D 92 2.02 -9.61 24.97
CA THR D 92 2.58 -9.08 23.72
C THR D 92 4.05 -9.45 23.44
N ASN D 93 4.41 -10.71 23.73
CA ASN D 93 5.74 -11.21 23.48
C ASN D 93 5.75 -12.13 22.26
N LYS D 94 6.86 -12.09 21.52
CA LYS D 94 7.03 -12.94 20.36
C LYS D 94 7.46 -14.33 20.82
N VAL D 95 6.58 -15.32 20.70
CA VAL D 95 6.92 -16.66 21.15
C VAL D 95 7.83 -17.34 20.13
N HIS D 96 7.52 -17.23 18.84
CA HIS D 96 8.36 -17.82 17.80
C HIS D 96 8.42 -16.91 16.59
N ALA D 97 9.46 -17.12 15.77
CA ALA D 97 9.60 -16.42 14.51
C ALA D 97 10.29 -17.38 13.53
N ILE D 98 9.51 -17.94 12.61
CA ILE D 98 10.00 -18.94 11.67
C ILE D 98 10.37 -18.23 10.37
N PRO D 99 11.61 -18.34 9.90
CA PRO D 99 11.93 -17.88 8.55
C PRO D 99 11.47 -18.89 7.51
N LEU D 100 10.93 -18.38 6.41
CA LEU D 100 10.27 -19.21 5.41
C LEU D 100 11.17 -19.42 4.20
N ARG D 101 10.92 -20.52 3.49
CA ARG D 101 11.67 -20.82 2.27
C ARG D 101 11.26 -19.89 1.14
N SER D 102 9.98 -19.86 0.82
CA SER D 102 9.43 -18.95 -0.18
C SER D 102 8.89 -17.71 0.51
N SER D 103 9.27 -16.53 0.00
CA SER D 103 8.91 -15.28 0.66
C SER D 103 7.45 -14.91 0.46
N TRP D 104 6.79 -15.41 -0.58
CA TRP D 104 5.38 -15.13 -0.83
C TRP D 104 4.50 -16.23 -0.25
N VAL D 105 3.81 -15.90 0.84
CA VAL D 105 2.95 -16.81 1.58
C VAL D 105 1.57 -16.16 1.69
N MET D 106 0.54 -16.89 1.26
CA MET D 106 -0.81 -16.37 1.18
C MET D 106 -1.75 -16.92 2.25
N THR D 107 -1.36 -17.96 2.98
CA THR D 107 -2.23 -18.56 3.97
C THR D 107 -1.40 -19.19 5.08
N CYS D 108 -2.05 -19.42 6.21
CA CYS D 108 -1.41 -20.10 7.33
C CYS D 108 -2.48 -20.78 8.16
N ALA D 109 -2.04 -21.71 9.00
CA ALA D 109 -2.97 -22.47 9.82
C ALA D 109 -2.30 -22.84 11.14
N TYR D 110 -3.12 -23.15 12.13
CA TYR D 110 -2.65 -23.57 13.43
C TYR D 110 -3.39 -24.84 13.81
N ALA D 111 -2.67 -25.79 14.41
CA ALA D 111 -3.25 -27.08 14.75
C ALA D 111 -4.24 -26.95 15.91
N PRO D 112 -5.29 -27.78 15.93
CA PRO D 112 -6.19 -27.79 17.08
C PRO D 112 -5.55 -28.32 18.35
N SER D 113 -4.53 -29.16 18.23
CA SER D 113 -3.77 -29.59 19.41
C SER D 113 -2.67 -28.61 19.78
N GLY D 114 -2.20 -27.81 18.84
CA GLY D 114 -1.19 -26.81 19.11
C GLY D 114 0.24 -27.24 18.84
N ASN D 115 0.44 -28.23 17.98
CA ASN D 115 1.77 -28.79 17.72
C ASN D 115 2.33 -28.41 16.36
N TYR D 116 1.51 -28.37 15.32
CA TYR D 116 1.99 -28.15 13.96
C TYR D 116 1.45 -26.83 13.42
N VAL D 117 2.22 -26.20 12.52
CA VAL D 117 1.83 -24.95 11.87
C VAL D 117 2.08 -25.09 10.38
N ALA D 118 1.05 -24.90 9.57
CA ALA D 118 1.18 -25.01 8.13
C ALA D 118 1.21 -23.63 7.47
N CYS D 119 1.80 -23.58 6.28
CA CYS D 119 1.85 -22.36 5.49
C CYS D 119 1.95 -22.73 4.01
N GLY D 120 1.56 -21.80 3.16
CA GLY D 120 1.63 -22.03 1.72
C GLY D 120 1.52 -20.72 0.97
N GLY D 121 1.88 -20.77 -0.30
CA GLY D 121 1.87 -19.57 -1.12
C GLY D 121 2.01 -19.82 -2.61
N LEU D 122 2.80 -18.98 -3.27
CA LEU D 122 2.99 -19.08 -4.71
C LEU D 122 3.98 -20.16 -5.13
N ASP D 123 4.60 -20.86 -4.18
CA ASP D 123 5.52 -21.93 -4.49
C ASP D 123 4.84 -23.29 -4.69
N ASN D 124 3.51 -23.32 -4.55
CA ASN D 124 2.66 -24.51 -4.71
C ASN D 124 3.03 -25.64 -3.74
N ILE D 125 3.64 -25.30 -2.61
CA ILE D 125 4.11 -26.28 -1.63
C ILE D 125 3.56 -25.89 -0.27
N CYS D 126 2.83 -26.80 0.36
CA CYS D 126 2.34 -26.62 1.73
C CYS D 126 3.44 -27.10 2.68
N SER D 127 4.04 -26.16 3.41
CA SER D 127 5.10 -26.47 4.35
C SER D 127 4.52 -26.58 5.75
N ILE D 128 4.79 -27.69 6.42
CA ILE D 128 4.30 -27.97 7.76
C ILE D 128 5.49 -27.98 8.70
N TYR D 129 5.48 -27.06 9.66
CA TYR D 129 6.51 -26.94 10.69
C TYR D 129 6.02 -27.57 11.98
N ASN D 130 6.96 -28.10 12.76
CA ASN D 130 6.68 -28.74 14.03
C ASN D 130 7.18 -27.86 15.16
N LEU D 131 6.37 -27.71 16.20
CA LEU D 131 6.73 -26.89 17.36
C LEU D 131 7.17 -27.75 18.53
N LYS D 132 7.70 -28.94 18.25
CA LYS D 132 8.31 -29.82 19.25
C LYS D 132 9.81 -29.66 19.08
N THR D 133 10.36 -28.64 19.73
CA THR D 133 11.76 -28.26 19.56
C THR D 133 12.65 -29.16 20.41
N ARG D 134 12.86 -30.39 19.91
CA ARG D 134 13.79 -31.31 20.55
C ARG D 134 15.21 -30.74 20.58
N GLU D 135 15.61 -30.08 19.50
CA GLU D 135 16.93 -29.47 19.40
C GLU D 135 16.93 -28.01 19.80
N GLY D 136 15.77 -27.41 20.00
CA GLY D 136 15.65 -26.01 20.35
C GLY D 136 15.30 -25.09 19.20
N ASN D 137 15.33 -25.59 17.97
CA ASN D 137 15.01 -24.80 16.79
C ASN D 137 13.98 -25.55 15.96
N VAL D 138 13.06 -24.80 15.37
CA VAL D 138 12.02 -25.38 14.51
C VAL D 138 12.61 -25.75 13.17
N ARG D 139 12.03 -26.79 12.55
CA ARG D 139 12.51 -27.29 11.27
C ARG D 139 11.31 -27.65 10.41
N VAL D 140 11.54 -27.75 9.11
CA VAL D 140 10.49 -28.11 8.16
C VAL D 140 10.16 -29.58 8.38
N SER D 141 9.00 -29.84 8.99
CA SER D 141 8.63 -31.22 9.28
C SER D 141 8.13 -31.95 8.04
N ARG D 142 7.33 -31.28 7.20
CA ARG D 142 6.76 -31.90 6.02
C ARG D 142 6.63 -30.87 4.90
N GLU D 143 6.63 -31.37 3.66
CA GLU D 143 6.35 -30.57 2.48
C GLU D 143 5.38 -31.32 1.59
N LEU D 144 4.28 -30.68 1.22
CA LEU D 144 3.23 -31.27 0.40
C LEU D 144 3.21 -30.55 -0.94
N ALA D 145 3.53 -31.27 -2.02
CA ALA D 145 3.63 -30.68 -3.35
C ALA D 145 2.90 -31.57 -4.35
N GLY D 146 1.62 -31.29 -4.57
CA GLY D 146 0.86 -32.00 -5.58
C GLY D 146 -0.16 -31.14 -6.31
N HIS D 147 -0.09 -29.83 -6.10
CA HIS D 147 -0.99 -28.89 -6.75
C HIS D 147 -0.31 -28.22 -7.95
N THR D 148 -1.12 -27.89 -8.95
CA THR D 148 -0.65 -27.17 -10.13
C THR D 148 -1.02 -25.70 -10.11
N GLY D 149 -1.53 -25.20 -8.98
CA GLY D 149 -1.84 -23.80 -8.83
C GLY D 149 -1.43 -23.31 -7.45
N TYR D 150 -1.60 -22.01 -7.23
CA TYR D 150 -1.17 -21.41 -5.97
C TYR D 150 -2.08 -21.84 -4.83
N LEU D 151 -1.49 -22.07 -3.66
CA LEU D 151 -2.23 -22.52 -2.50
C LEU D 151 -2.90 -21.32 -1.84
N SER D 152 -4.23 -21.33 -1.77
CA SER D 152 -5.00 -20.18 -1.30
C SER D 152 -5.38 -20.28 0.17
N CYS D 153 -5.71 -21.46 0.66
CA CYS D 153 -6.11 -21.62 2.05
C CYS D 153 -5.81 -23.05 2.50
N CYS D 154 -5.59 -23.21 3.80
CA CYS D 154 -5.33 -24.52 4.38
C CYS D 154 -5.81 -24.54 5.82
N ARG D 155 -6.46 -25.63 6.20
CA ARG D 155 -7.00 -25.81 7.54
C ARG D 155 -6.75 -27.24 8.01
N PHE D 156 -6.55 -27.39 9.32
CA PHE D 156 -6.30 -28.69 9.93
C PHE D 156 -7.60 -29.32 10.41
N LEU D 157 -7.81 -30.59 10.05
CA LEU D 157 -8.87 -31.38 10.67
C LEU D 157 -8.41 -31.97 11.99
N ASP D 158 -7.24 -32.60 11.99
CA ASP D 158 -6.63 -33.16 13.19
C ASP D 158 -5.11 -33.07 13.02
N ASP D 159 -4.38 -33.84 13.83
CA ASP D 159 -2.92 -33.86 13.73
C ASP D 159 -2.40 -34.67 12.55
N ASN D 160 -3.27 -35.38 11.84
CA ASN D 160 -2.85 -36.26 10.75
C ASN D 160 -3.34 -35.83 9.38
N GLN D 161 -4.47 -35.15 9.29
CA GLN D 161 -5.05 -34.77 8.01
C GLN D 161 -5.09 -33.25 7.88
N ILE D 162 -5.07 -32.77 6.65
CA ILE D 162 -5.12 -31.32 6.39
C ILE D 162 -5.85 -31.08 5.06
N VAL D 163 -6.84 -30.20 5.11
CA VAL D 163 -7.61 -29.82 3.92
C VAL D 163 -6.98 -28.58 3.33
N THR D 164 -6.59 -28.65 2.05
CA THR D 164 -5.99 -27.53 1.35
C THR D 164 -6.84 -27.16 0.15
N SER D 165 -6.79 -25.87 -0.21
CA SER D 165 -7.44 -25.37 -1.41
C SER D 165 -6.42 -24.66 -2.29
N SER D 166 -6.49 -24.91 -3.58
CA SER D 166 -5.50 -24.38 -4.51
C SER D 166 -6.19 -23.60 -5.63
N GLY D 167 -5.37 -22.95 -6.44
CA GLY D 167 -5.84 -22.12 -7.53
C GLY D 167 -6.02 -22.84 -8.85
N ASP D 168 -6.03 -24.17 -8.85
CA ASP D 168 -6.30 -24.95 -10.05
C ASP D 168 -7.67 -25.62 -10.00
N THR D 169 -8.64 -24.90 -9.40
CA THR D 169 -10.05 -25.30 -9.27
C THR D 169 -10.23 -26.64 -8.55
N THR D 170 -9.30 -26.99 -7.66
CA THR D 170 -9.34 -28.24 -6.93
C THR D 170 -9.04 -28.02 -5.46
N CYS D 171 -9.64 -28.84 -4.62
CA CYS D 171 -9.30 -28.94 -3.21
C CYS D 171 -8.76 -30.34 -2.94
N ALA D 172 -8.00 -30.48 -1.86
CA ALA D 172 -7.36 -31.75 -1.59
C ALA D 172 -7.36 -32.05 -0.09
N LEU D 173 -7.35 -33.35 0.23
CA LEU D 173 -7.20 -33.83 1.60
C LEU D 173 -5.88 -34.57 1.68
N TRP D 174 -4.94 -34.03 2.45
CA TRP D 174 -3.59 -34.57 2.55
C TRP D 174 -3.42 -35.29 3.88
N ASP D 175 -2.64 -36.37 3.84
CA ASP D 175 -2.19 -37.07 5.04
C ASP D 175 -0.77 -36.61 5.35
N ILE D 176 -0.56 -36.14 6.59
CA ILE D 176 0.71 -35.54 6.96
C ILE D 176 1.80 -36.61 7.10
N GLU D 177 1.43 -37.81 7.57
CA GLU D 177 2.42 -38.86 7.79
C GLU D 177 2.93 -39.44 6.49
N THR D 178 2.03 -39.81 5.58
CA THR D 178 2.45 -40.43 4.33
C THR D 178 2.88 -39.40 3.30
N GLY D 179 2.06 -38.37 3.09
CA GLY D 179 2.35 -37.36 2.10
C GLY D 179 1.64 -37.54 0.78
N GLN D 180 0.42 -38.09 0.78
CA GLN D 180 -0.34 -38.35 -0.42
C GLN D 180 -1.76 -37.84 -0.25
N GLN D 181 -2.39 -37.48 -1.37
CA GLN D 181 -3.76 -36.99 -1.35
C GLN D 181 -4.72 -38.13 -1.02
N THR D 182 -5.47 -37.98 0.07
CA THR D 182 -6.50 -38.96 0.39
C THR D 182 -7.67 -38.87 -0.58
N THR D 183 -8.23 -37.67 -0.73
CA THR D 183 -9.31 -37.41 -1.67
C THR D 183 -9.09 -36.06 -2.32
N THR D 184 -9.74 -35.86 -3.46
CA THR D 184 -9.66 -34.61 -4.21
C THR D 184 -11.08 -34.11 -4.49
N PHE D 185 -11.17 -32.82 -4.77
CA PHE D 185 -12.45 -32.15 -4.97
C PHE D 185 -12.33 -31.30 -6.23
N THR D 186 -13.05 -31.68 -7.29
CA THR D 186 -12.98 -30.99 -8.58
C THR D 186 -14.41 -30.70 -9.03
N GLY D 187 -14.94 -29.55 -8.62
CA GLY D 187 -16.25 -29.13 -9.06
C GLY D 187 -16.35 -27.66 -9.40
N HIS D 188 -15.28 -26.91 -9.16
CA HIS D 188 -15.29 -25.48 -9.40
C HIS D 188 -14.70 -25.15 -10.77
N THR D 189 -15.01 -23.94 -11.25
CA THR D 189 -14.45 -23.42 -12.48
C THR D 189 -13.55 -22.23 -12.26
N GLY D 190 -13.46 -21.71 -11.04
CA GLY D 190 -12.58 -20.60 -10.71
C GLY D 190 -11.69 -20.94 -9.53
N ASP D 191 -10.90 -19.95 -9.13
CA ASP D 191 -9.94 -20.14 -8.05
C ASP D 191 -10.68 -20.25 -6.72
N VAL D 192 -10.47 -21.36 -6.01
CA VAL D 192 -11.09 -21.56 -4.70
C VAL D 192 -10.39 -20.64 -3.72
N MET D 193 -11.08 -19.60 -3.25
CA MET D 193 -10.41 -18.55 -2.49
C MET D 193 -10.24 -18.93 -1.02
N SER D 194 -11.24 -19.58 -0.42
CA SER D 194 -11.17 -19.90 1.00
C SER D 194 -12.07 -21.08 1.29
N LEU D 195 -11.93 -21.62 2.50
CA LEU D 195 -12.77 -22.70 2.98
C LEU D 195 -12.99 -22.52 4.47
N SER D 196 -14.03 -23.17 4.99
CA SER D 196 -14.38 -23.10 6.40
C SER D 196 -14.84 -24.47 6.86
N LEU D 197 -14.16 -25.01 7.87
CA LEU D 197 -14.51 -26.32 8.40
C LEU D 197 -15.69 -26.23 9.35
N ALA D 198 -16.47 -27.32 9.40
CA ALA D 198 -17.57 -27.41 10.33
C ALA D 198 -17.04 -27.66 11.75
N PRO D 199 -17.79 -27.26 12.79
CA PRO D 199 -17.36 -27.56 14.16
C PRO D 199 -17.32 -29.04 14.50
N ASP D 200 -18.13 -29.87 13.84
CA ASP D 200 -18.03 -31.31 14.02
C ASP D 200 -17.11 -31.98 13.00
N THR D 201 -16.53 -31.19 12.08
CA THR D 201 -15.55 -31.62 11.08
C THR D 201 -16.09 -32.74 10.18
N ARG D 202 -17.34 -32.60 9.74
CA ARG D 202 -17.95 -33.56 8.81
C ARG D 202 -18.00 -33.03 7.40
N LEU D 203 -18.51 -31.82 7.20
CA LEU D 203 -18.60 -31.17 5.91
C LEU D 203 -17.71 -29.93 5.90
N PHE D 204 -17.49 -29.37 4.71
CA PHE D 204 -16.83 -28.06 4.63
C PHE D 204 -17.29 -27.34 3.37
N VAL D 205 -17.43 -26.02 3.49
CA VAL D 205 -17.81 -25.19 2.35
C VAL D 205 -16.56 -24.66 1.68
N SER D 206 -16.69 -24.30 0.40
CA SER D 206 -15.59 -23.70 -0.35
C SER D 206 -16.18 -22.77 -1.40
N GLY D 207 -15.74 -21.51 -1.38
CA GLY D 207 -16.21 -20.52 -2.32
C GLY D 207 -15.15 -20.24 -3.38
N ALA D 208 -15.59 -20.04 -4.60
CA ALA D 208 -14.67 -19.86 -5.73
C ALA D 208 -14.94 -18.54 -6.44
N CYS D 209 -14.24 -18.35 -7.56
CA CYS D 209 -14.32 -17.12 -8.35
C CYS D 209 -15.42 -17.16 -9.40
N ASP D 210 -16.30 -18.14 -9.36
CA ASP D 210 -17.45 -18.19 -10.26
C ASP D 210 -18.75 -17.86 -9.53
N ALA D 211 -18.63 -17.09 -8.43
CA ALA D 211 -19.73 -16.68 -7.55
C ALA D 211 -20.52 -17.88 -7.03
N SER D 212 -19.80 -18.94 -6.64
CA SER D 212 -20.45 -20.15 -6.18
C SER D 212 -19.68 -20.73 -4.99
N ALA D 213 -20.43 -21.22 -4.02
CA ALA D 213 -19.89 -21.91 -2.85
C ALA D 213 -20.48 -23.31 -2.79
N LYS D 214 -19.62 -24.32 -2.75
CA LYS D 214 -20.06 -25.70 -2.73
C LYS D 214 -19.77 -26.34 -1.38
N LEU D 215 -20.65 -27.26 -1.00
CA LEU D 215 -20.59 -27.97 0.27
C LEU D 215 -20.05 -29.38 0.02
N TRP D 216 -18.78 -29.59 0.36
CA TRP D 216 -18.10 -30.85 0.12
C TRP D 216 -18.13 -31.71 1.38
N ASP D 217 -18.10 -33.02 1.17
CA ASP D 217 -18.01 -33.99 2.25
C ASP D 217 -16.58 -34.53 2.33
N VAL D 218 -16.08 -34.67 3.56
CA VAL D 218 -14.70 -35.13 3.73
C VAL D 218 -14.63 -36.64 3.56
N ARG D 219 -15.58 -37.38 4.12
CA ARG D 219 -15.51 -38.84 4.09
C ARG D 219 -15.91 -39.40 2.74
N GLU D 220 -16.99 -38.89 2.14
CA GLU D 220 -17.41 -39.38 0.84
C GLU D 220 -16.54 -38.81 -0.29
N GLY D 221 -16.32 -37.51 -0.28
CA GLY D 221 -15.47 -36.87 -1.27
C GLY D 221 -16.17 -36.27 -2.46
N MET D 222 -17.48 -36.03 -2.39
CA MET D 222 -18.24 -35.45 -3.48
C MET D 222 -19.06 -34.27 -2.98
N CYS D 223 -19.50 -33.44 -3.92
CA CYS D 223 -20.27 -32.25 -3.58
C CYS D 223 -21.68 -32.64 -3.17
N ARG D 224 -22.23 -31.89 -2.20
CA ARG D 224 -23.59 -32.09 -1.75
C ARG D 224 -24.53 -31.02 -2.29
N GLN D 225 -24.22 -29.75 -2.03
CA GLN D 225 -25.06 -28.65 -2.47
C GLN D 225 -24.19 -27.55 -3.06
N THR D 226 -24.80 -26.72 -3.90
CA THR D 226 -24.15 -25.60 -4.56
C THR D 226 -24.98 -24.35 -4.31
N PHE D 227 -24.30 -23.24 -4.03
CA PHE D 227 -24.96 -21.97 -3.73
C PHE D 227 -24.41 -20.89 -4.64
N THR D 228 -25.27 -20.35 -5.50
CA THR D 228 -24.91 -19.26 -6.41
C THR D 228 -25.86 -18.08 -6.16
N GLY D 229 -25.37 -17.08 -5.45
CA GLY D 229 -26.17 -15.92 -5.13
C GLY D 229 -25.45 -14.60 -5.30
N HIS D 230 -24.17 -14.65 -5.62
CA HIS D 230 -23.35 -13.45 -5.74
C HIS D 230 -23.22 -13.02 -7.19
N GLU D 231 -22.56 -11.87 -7.38
CA GLU D 231 -22.35 -11.27 -8.68
C GLU D 231 -20.88 -11.21 -9.07
N SER D 232 -19.97 -11.45 -8.13
CA SER D 232 -18.54 -11.32 -8.38
C SER D 232 -17.81 -12.42 -7.61
N ASP D 233 -16.50 -12.26 -7.46
CA ASP D 233 -15.67 -13.29 -6.86
C ASP D 233 -15.89 -13.36 -5.36
N ILE D 234 -16.16 -14.56 -4.84
CA ILE D 234 -16.35 -14.77 -3.41
C ILE D 234 -14.98 -14.87 -2.77
N ASN D 235 -14.62 -13.89 -1.94
CA ASN D 235 -13.29 -13.83 -1.36
C ASN D 235 -13.17 -14.54 -0.01
N ALA D 236 -14.27 -14.67 0.74
CA ALA D 236 -14.19 -15.23 2.08
C ALA D 236 -15.50 -15.93 2.41
N ILE D 237 -15.42 -16.84 3.37
CA ILE D 237 -16.57 -17.64 3.80
C ILE D 237 -16.34 -18.05 5.25
N CYS D 238 -17.43 -18.20 6.00
CA CYS D 238 -17.35 -18.56 7.41
C CYS D 238 -18.65 -19.20 7.84
N PHE D 239 -18.55 -20.19 8.74
CA PHE D 239 -19.71 -20.91 9.24
C PHE D 239 -20.36 -20.20 10.42
N PHE D 240 -21.65 -20.49 10.58
CA PHE D 240 -22.38 -20.08 11.76
C PHE D 240 -21.92 -20.99 12.92
N PRO D 241 -22.00 -20.52 14.17
CA PRO D 241 -21.52 -21.35 15.30
C PRO D 241 -22.29 -22.65 15.53
N ASN D 242 -23.51 -22.81 15.02
CA ASN D 242 -24.19 -24.08 15.21
C ASN D 242 -23.91 -25.09 14.09
N GLY D 243 -23.59 -24.61 12.90
CA GLY D 243 -23.26 -25.48 11.79
C GLY D 243 -24.38 -25.73 10.81
N ASN D 244 -25.33 -24.80 10.67
CA ASN D 244 -26.44 -24.95 9.74
C ASN D 244 -26.58 -23.81 8.75
N ALA D 245 -25.80 -22.74 8.88
CA ALA D 245 -25.83 -21.63 7.94
C ALA D 245 -24.40 -21.13 7.76
N PHE D 246 -24.21 -20.24 6.79
CA PHE D 246 -22.90 -19.62 6.59
C PHE D 246 -23.08 -18.26 5.95
N ALA D 247 -21.97 -17.53 5.86
CA ALA D 247 -21.97 -16.18 5.31
C ALA D 247 -20.78 -16.03 4.39
N THR D 248 -21.02 -15.39 3.25
CA THR D 248 -20.01 -15.19 2.22
C THR D 248 -19.82 -13.71 1.96
N GLY D 249 -18.57 -13.30 1.77
CA GLY D 249 -18.22 -11.95 1.36
C GLY D 249 -17.63 -11.96 -0.03
N SER D 250 -18.09 -11.03 -0.87
CA SER D 250 -17.64 -11.00 -2.25
C SER D 250 -17.06 -9.64 -2.63
N ASP D 251 -16.74 -9.46 -3.90
CA ASP D 251 -16.05 -8.26 -4.37
C ASP D 251 -17.01 -7.15 -4.78
N ASP D 252 -18.32 -7.42 -4.81
CA ASP D 252 -19.30 -6.41 -5.18
C ASP D 252 -19.88 -5.67 -3.97
N ALA D 253 -19.11 -5.59 -2.87
CA ALA D 253 -19.45 -4.84 -1.65
C ALA D 253 -20.74 -5.31 -0.98
N THR D 254 -21.11 -6.58 -1.20
CA THR D 254 -22.31 -7.15 -0.61
C THR D 254 -21.95 -8.45 0.08
N CYS D 255 -22.42 -8.61 1.32
CA CYS D 255 -22.29 -9.86 2.04
C CYS D 255 -23.62 -10.62 1.96
N ARG D 256 -23.55 -11.94 2.00
CA ARG D 256 -24.76 -12.75 1.87
C ARG D 256 -24.72 -13.92 2.83
N LEU D 257 -25.77 -14.05 3.65
CA LEU D 257 -25.92 -15.15 4.59
C LEU D 257 -26.85 -16.18 3.95
N PHE D 258 -26.29 -17.36 3.66
CA PHE D 258 -26.95 -18.51 3.09
C PHE D 258 -27.26 -19.53 4.17
N ASP D 259 -28.26 -20.38 3.89
CA ASP D 259 -28.65 -21.46 4.78
C ASP D 259 -28.42 -22.81 4.10
N LEU D 260 -27.99 -23.79 4.87
CA LEU D 260 -27.74 -25.12 4.32
C LEU D 260 -29.02 -25.91 4.12
N ARG D 261 -30.03 -25.72 4.97
CA ARG D 261 -31.25 -26.50 4.88
C ARG D 261 -32.21 -25.93 3.84
N ALA D 262 -32.37 -24.61 3.80
CA ALA D 262 -33.29 -23.98 2.87
C ALA D 262 -32.74 -23.91 1.44
N ASP D 263 -31.42 -24.14 1.27
CA ASP D 263 -30.74 -24.22 -0.02
C ASP D 263 -30.85 -22.90 -0.81
N GLN D 264 -30.97 -21.78 -0.10
CA GLN D 264 -30.98 -20.47 -0.72
C GLN D 264 -30.51 -19.45 0.31
N GLU D 265 -30.39 -18.20 -0.14
CA GLU D 265 -29.92 -17.14 0.74
C GLU D 265 -31.00 -16.70 1.70
N LEU D 266 -30.56 -16.30 2.90
CA LEU D 266 -31.46 -15.73 3.90
C LEU D 266 -31.32 -14.23 4.04
N MET D 267 -30.10 -13.69 4.00
CA MET D 267 -29.91 -12.28 4.27
C MET D 267 -28.90 -11.69 3.29
N THR D 268 -29.10 -10.42 2.95
CA THR D 268 -28.19 -9.67 2.09
C THR D 268 -27.80 -8.39 2.80
N TYR D 269 -26.51 -8.20 3.03
CA TYR D 269 -25.95 -7.05 3.72
C TYR D 269 -25.33 -6.13 2.66
N SER D 270 -25.85 -4.91 2.56
CA SER D 270 -25.35 -3.95 1.59
C SER D 270 -25.63 -2.54 2.09
N HIS D 271 -24.97 -1.58 1.45
CA HIS D 271 -25.15 -0.18 1.79
C HIS D 271 -24.78 0.65 0.57
N ASP D 272 -25.30 1.88 0.53
CA ASP D 272 -25.06 2.74 -0.64
C ASP D 272 -23.67 3.34 -0.66
N ASN D 273 -23.10 3.64 0.50
CA ASN D 273 -21.78 4.25 0.54
C ASN D 273 -20.65 3.24 0.40
N ILE D 274 -20.91 1.97 0.64
CA ILE D 274 -19.89 0.93 0.59
C ILE D 274 -19.77 0.44 -0.84
N ILE D 275 -18.63 0.71 -1.48
CA ILE D 275 -18.36 0.28 -2.85
C ILE D 275 -17.05 -0.48 -2.89
N CYS D 276 -16.69 -1.12 -1.78
CA CYS D 276 -15.42 -1.82 -1.65
C CYS D 276 -15.67 -3.28 -1.29
N GLY D 277 -14.86 -4.17 -1.88
CA GLY D 277 -15.07 -5.59 -1.70
C GLY D 277 -14.65 -6.07 -0.32
N ILE D 278 -15.18 -7.24 0.04
CA ILE D 278 -14.95 -7.84 1.34
C ILE D 278 -13.76 -8.78 1.25
N THR D 279 -12.94 -8.82 2.30
CA THR D 279 -11.75 -9.65 2.35
C THR D 279 -11.85 -10.80 3.33
N SER D 280 -12.46 -10.59 4.50
CA SER D 280 -12.58 -11.63 5.50
C SER D 280 -13.87 -11.44 6.29
N VAL D 281 -14.58 -12.53 6.52
CA VAL D 281 -15.80 -12.54 7.32
C VAL D 281 -15.65 -13.55 8.45
N SER D 282 -16.21 -13.21 9.61
CA SER D 282 -16.17 -14.09 10.77
C SER D 282 -17.29 -13.71 11.72
N PHE D 283 -18.02 -14.70 12.22
CA PHE D 283 -19.06 -14.47 13.21
C PHE D 283 -18.44 -14.34 14.61
N SER D 284 -19.29 -14.03 15.58
CA SER D 284 -18.91 -14.02 16.98
C SER D 284 -19.11 -15.42 17.56
N LYS D 285 -19.04 -15.54 18.88
CA LYS D 285 -19.26 -16.84 19.51
C LYS D 285 -20.74 -17.20 19.54
N SER D 286 -21.60 -16.21 19.78
CA SER D 286 -23.04 -16.47 19.82
C SER D 286 -23.65 -16.50 18.42
N GLY D 287 -23.22 -15.60 17.55
CA GLY D 287 -23.75 -15.51 16.21
C GLY D 287 -24.62 -14.29 15.92
N ARG D 288 -24.55 -13.25 16.75
CA ARG D 288 -25.36 -12.06 16.55
C ARG D 288 -24.63 -11.00 15.71
N LEU D 289 -23.34 -10.82 15.96
CA LEU D 289 -22.54 -9.85 15.22
C LEU D 289 -21.82 -10.54 14.08
N LEU D 290 -21.71 -9.83 12.95
CA LEU D 290 -20.99 -10.32 11.78
C LEU D 290 -19.94 -9.30 11.39
N LEU D 291 -18.68 -9.73 11.37
CA LEU D 291 -17.56 -8.84 11.13
C LEU D 291 -17.17 -8.92 9.66
N ALA D 292 -17.08 -7.76 9.00
CA ALA D 292 -16.74 -7.72 7.58
C ALA D 292 -15.60 -6.72 7.38
N GLY D 293 -14.51 -7.18 6.78
CA GLY D 293 -13.39 -6.32 6.49
C GLY D 293 -13.36 -5.84 5.05
N TYR D 294 -13.70 -4.58 4.83
CA TYR D 294 -13.82 -4.05 3.48
C TYR D 294 -12.47 -3.49 3.01
N ASP D 295 -12.47 -2.80 1.88
CA ASP D 295 -11.26 -2.22 1.31
C ASP D 295 -11.16 -0.71 1.53
N ASP D 296 -12.09 -0.12 2.27
CA ASP D 296 -12.05 1.31 2.59
C ASP D 296 -11.44 1.57 3.96
N PHE D 297 -10.42 0.77 4.30
CA PHE D 297 -9.51 0.94 5.43
C PHE D 297 -10.18 0.78 6.79
N ASN D 298 -11.36 0.16 6.85
CA ASN D 298 -12.03 -0.06 8.13
C ASN D 298 -12.96 -1.26 8.02
N CYS D 299 -13.28 -1.84 9.17
CA CYS D 299 -14.17 -2.99 9.27
C CYS D 299 -15.54 -2.55 9.79
N ASN D 300 -16.54 -3.35 9.47
CA ASN D 300 -17.91 -3.08 9.88
C ASN D 300 -18.51 -4.25 10.63
N VAL D 301 -19.24 -3.95 11.70
CA VAL D 301 -19.89 -4.92 12.55
C VAL D 301 -21.37 -4.84 12.25
N TRP D 302 -21.88 -5.80 11.48
CA TRP D 302 -23.27 -5.86 11.09
C TRP D 302 -24.07 -6.67 12.10
N ASP D 303 -25.35 -6.34 12.23
CA ASP D 303 -26.29 -7.17 12.96
C ASP D 303 -26.76 -8.28 12.03
N ALA D 304 -26.56 -9.53 12.43
CA ALA D 304 -26.88 -10.65 11.56
C ALA D 304 -28.37 -10.92 11.45
N LEU D 305 -29.18 -10.42 12.37
CA LEU D 305 -30.61 -10.69 12.37
C LEU D 305 -31.44 -9.54 11.83
N LYS D 306 -30.91 -8.32 11.81
CA LYS D 306 -31.66 -7.15 11.36
C LYS D 306 -31.01 -6.42 10.20
N ALA D 307 -29.82 -6.86 9.75
CA ALA D 307 -29.08 -6.30 8.61
C ALA D 307 -28.78 -4.81 8.81
N ASP D 308 -28.45 -4.43 10.05
CA ASP D 308 -28.13 -3.06 10.41
C ASP D 308 -26.69 -2.99 10.88
N ARG D 309 -25.92 -2.10 10.25
CA ARG D 309 -24.52 -1.90 10.62
C ARG D 309 -24.44 -1.31 12.03
N ALA D 310 -23.99 -2.14 12.98
CA ALA D 310 -23.94 -1.71 14.37
C ALA D 310 -22.67 -0.92 14.68
N GLY D 311 -21.50 -1.48 14.33
CA GLY D 311 -20.25 -0.92 14.76
C GLY D 311 -19.30 -0.64 13.59
N VAL D 312 -18.34 0.24 13.85
CA VAL D 312 -17.29 0.59 12.91
C VAL D 312 -15.95 0.43 13.62
N LEU D 313 -15.09 -0.44 13.09
CA LEU D 313 -13.73 -0.64 13.60
C LEU D 313 -12.76 0.03 12.63
N ALA D 314 -12.40 1.27 12.92
CA ALA D 314 -11.55 2.08 12.06
C ALA D 314 -10.27 2.41 12.80
N GLY D 315 -9.23 1.62 12.57
CA GLY D 315 -7.94 1.89 13.16
C GLY D 315 -6.77 1.57 12.24
N HIS D 316 -7.06 1.07 11.05
CA HIS D 316 -6.03 0.67 10.10
C HIS D 316 -5.80 1.74 9.05
N ASP D 317 -4.67 1.62 8.36
CA ASP D 317 -4.25 2.55 7.32
C ASP D 317 -4.37 1.97 5.91
N ASN D 318 -4.12 0.69 5.73
CA ASN D 318 -4.12 0.06 4.42
C ASN D 318 -5.22 -1.02 4.40
N ARG D 319 -5.22 -1.84 3.36
CA ARG D 319 -6.26 -2.85 3.15
C ARG D 319 -6.22 -3.92 4.23
N VAL D 320 -7.35 -4.12 4.90
CA VAL D 320 -7.46 -5.17 5.91
C VAL D 320 -7.57 -6.51 5.19
N SER D 321 -6.57 -7.37 5.38
CA SER D 321 -6.52 -8.65 4.68
C SER D 321 -7.00 -9.83 5.50
N CYS D 322 -6.76 -9.84 6.81
CA CYS D 322 -7.13 -10.99 7.62
C CYS D 322 -7.84 -10.53 8.89
N LEU D 323 -8.81 -11.33 9.31
CA LEU D 323 -9.62 -11.04 10.47
C LEU D 323 -9.94 -12.35 11.16
N GLY D 324 -9.71 -12.41 12.47
CA GLY D 324 -9.93 -13.63 13.21
C GLY D 324 -10.60 -13.43 14.55
N VAL D 325 -11.51 -14.34 14.89
CA VAL D 325 -12.19 -14.34 16.18
C VAL D 325 -11.79 -15.61 16.91
N THR D 326 -11.43 -15.46 18.18
CA THR D 326 -11.03 -16.59 19.01
C THR D 326 -12.25 -17.44 19.39
N ASP D 327 -11.97 -18.60 19.99
CA ASP D 327 -13.02 -19.57 20.25
C ASP D 327 -13.93 -19.17 21.40
N ASP D 328 -13.41 -18.46 22.40
CA ASP D 328 -14.24 -17.98 23.50
C ASP D 328 -14.85 -16.61 23.23
N GLY D 329 -14.56 -16.01 22.08
CA GLY D 329 -15.14 -14.73 21.71
C GLY D 329 -14.66 -13.56 22.53
N MET D 330 -13.43 -13.59 23.01
CA MET D 330 -12.95 -12.54 23.90
C MET D 330 -12.44 -11.33 23.13
N ALA D 331 -11.76 -11.53 22.01
CA ALA D 331 -11.16 -10.43 21.27
C ALA D 331 -11.19 -10.74 19.78
N VAL D 332 -10.92 -9.71 18.97
CA VAL D 332 -10.93 -9.81 17.52
C VAL D 332 -9.60 -9.30 17.01
N ALA D 333 -8.85 -10.16 16.31
CA ALA D 333 -7.54 -9.78 15.79
C ALA D 333 -7.66 -9.43 14.32
N THR D 334 -7.30 -8.20 13.95
CA THR D 334 -7.35 -7.75 12.57
C THR D 334 -5.95 -7.42 12.10
N GLY D 335 -5.58 -7.94 10.93
CA GLY D 335 -4.30 -7.66 10.32
C GLY D 335 -4.44 -7.11 8.91
N SER D 336 -3.78 -5.98 8.67
CA SER D 336 -3.87 -5.26 7.41
C SER D 336 -2.49 -5.20 6.75
N TRP D 337 -2.40 -4.45 5.66
CA TRP D 337 -1.18 -4.36 4.87
C TRP D 337 -0.17 -3.37 5.40
N ASP D 338 -0.42 -2.74 6.55
CA ASP D 338 0.55 -1.85 7.17
C ASP D 338 1.42 -2.56 8.21
N SER D 339 1.49 -3.90 8.14
CA SER D 339 2.30 -4.77 9.00
C SER D 339 1.95 -4.62 10.48
N PHE D 340 0.70 -4.30 10.79
CA PHE D 340 0.24 -4.08 12.15
C PHE D 340 -0.93 -5.01 12.45
N LEU D 341 -0.77 -5.87 13.46
CA LEU D 341 -1.89 -6.60 14.03
C LEU D 341 -2.51 -5.78 15.15
N LYS D 342 -3.83 -5.75 15.19
CA LYS D 342 -4.55 -5.01 16.22
C LYS D 342 -5.57 -5.92 16.90
N ILE D 343 -5.62 -5.83 18.21
CA ILE D 343 -6.49 -6.67 19.05
C ILE D 343 -7.63 -5.79 19.51
N TRP D 344 -8.74 -5.82 18.79
CA TRP D 344 -9.92 -5.05 19.13
C TRP D 344 -10.73 -5.77 20.20
N ASN D 345 -11.19 -5.03 21.20
CA ASN D 345 -12.01 -5.59 22.26
C ASN D 345 -12.86 -4.48 22.87
N THR E 6 -15.01 -32.34 -29.01
CA THR E 6 -15.58 -33.48 -28.31
C THR E 6 -14.89 -33.72 -26.98
N ALA E 7 -14.47 -32.63 -26.34
CA ALA E 7 -13.80 -32.69 -25.04
C ALA E 7 -14.66 -32.24 -23.88
N SER E 8 -15.57 -31.30 -24.10
CA SER E 8 -16.45 -30.80 -23.04
C SER E 8 -17.68 -31.66 -22.80
N ILE E 9 -17.82 -32.77 -23.55
CA ILE E 9 -18.98 -33.64 -23.37
C ILE E 9 -18.91 -34.37 -22.03
N ALA E 10 -17.71 -34.72 -21.56
CA ALA E 10 -17.58 -35.36 -20.26
C ALA E 10 -17.89 -34.38 -19.13
N GLN E 11 -17.48 -33.11 -19.28
CA GLN E 11 -17.81 -32.09 -18.31
C GLN E 11 -19.32 -31.82 -18.29
N ALA E 12 -19.95 -31.86 -19.47
CA ALA E 12 -21.40 -31.68 -19.53
C ALA E 12 -22.14 -32.85 -18.88
N ARG E 13 -21.65 -34.08 -19.07
CA ARG E 13 -22.25 -35.24 -18.40
C ARG E 13 -22.07 -35.16 -16.89
N LYS E 14 -20.90 -34.67 -16.44
CA LYS E 14 -20.70 -34.52 -14.99
C LYS E 14 -21.59 -33.42 -14.41
N LEU E 15 -21.82 -32.35 -15.17
CA LEU E 15 -22.74 -31.31 -14.69
C LEU E 15 -24.18 -31.80 -14.66
N VAL E 16 -24.58 -32.62 -15.63
CA VAL E 16 -25.92 -33.20 -15.63
C VAL E 16 -26.09 -34.17 -14.45
N GLU E 17 -25.08 -34.99 -14.18
CA GLU E 17 -25.15 -35.90 -13.03
C GLU E 17 -25.12 -35.15 -11.71
N GLN E 18 -24.40 -34.02 -11.64
CA GLN E 18 -24.38 -33.23 -10.41
C GLN E 18 -25.72 -32.55 -10.17
N LEU E 19 -26.36 -32.06 -11.23
CA LEU E 19 -27.70 -31.48 -11.08
C LEU E 19 -28.74 -32.54 -10.74
N LYS E 20 -28.56 -33.77 -11.24
CA LYS E 20 -29.47 -34.85 -10.86
C LYS E 20 -29.25 -35.29 -9.41
N MET E 21 -28.01 -35.22 -8.92
CA MET E 21 -27.76 -35.52 -7.51
C MET E 21 -28.29 -34.41 -6.60
N GLU E 22 -28.22 -33.16 -7.05
CA GLU E 22 -28.72 -32.05 -6.24
C GLU E 22 -30.23 -31.83 -6.40
N ALA E 23 -30.87 -32.48 -7.37
CA ALA E 23 -32.29 -32.26 -7.60
C ALA E 23 -33.16 -33.00 -6.58
N ASN E 24 -32.75 -34.20 -6.17
CA ASN E 24 -33.57 -35.04 -5.29
C ASN E 24 -33.16 -34.80 -3.84
N ILE E 25 -33.59 -33.67 -3.31
CA ILE E 25 -33.38 -33.31 -1.91
C ILE E 25 -34.70 -32.78 -1.34
N ASP E 26 -34.79 -32.79 -0.01
CA ASP E 26 -35.94 -32.30 0.72
C ASP E 26 -35.55 -30.99 1.39
N ARG E 27 -35.98 -29.87 0.81
CA ARG E 27 -35.61 -28.55 1.32
C ARG E 27 -36.52 -28.18 2.48
N ILE E 28 -35.90 -27.86 3.62
CA ILE E 28 -36.65 -27.43 4.81
C ILE E 28 -37.18 -26.02 4.56
N LYS E 29 -38.28 -25.69 5.24
CA LYS E 29 -38.91 -24.39 5.08
C LYS E 29 -38.02 -23.27 5.63
N VAL E 30 -38.23 -22.07 5.10
CA VAL E 30 -37.38 -20.94 5.45
C VAL E 30 -37.70 -20.44 6.87
N SER E 31 -38.98 -20.45 7.24
CA SER E 31 -39.41 -19.92 8.53
C SER E 31 -38.94 -20.79 9.68
N LYS E 32 -38.92 -22.12 9.48
CA LYS E 32 -38.49 -23.03 10.54
C LYS E 32 -36.99 -22.91 10.79
N ALA E 33 -36.20 -22.81 9.73
CA ALA E 33 -34.75 -22.61 9.89
C ALA E 33 -34.43 -21.23 10.45
N ALA E 34 -35.23 -20.22 10.07
CA ALA E 34 -35.05 -18.88 10.63
C ALA E 34 -35.38 -18.85 12.12
N ALA E 35 -36.43 -19.56 12.54
CA ALA E 35 -36.76 -19.65 13.96
C ALA E 35 -35.72 -20.46 14.72
N ASP E 36 -35.12 -21.48 14.09
CA ASP E 36 -34.06 -22.24 14.73
C ASP E 36 -32.81 -21.39 14.94
N LEU E 37 -32.44 -20.59 13.92
CA LEU E 37 -31.31 -19.68 14.07
C LEU E 37 -31.60 -18.57 15.09
N MET E 38 -32.86 -18.12 15.17
CA MET E 38 -33.25 -17.14 16.17
C MET E 38 -33.16 -17.71 17.58
N ALA E 39 -33.60 -18.95 17.77
CA ALA E 39 -33.51 -19.58 19.08
C ALA E 39 -32.07 -19.87 19.48
N TYR E 40 -31.23 -20.22 18.50
CA TYR E 40 -29.82 -20.45 18.80
C TYR E 40 -29.09 -19.15 19.13
N CYS E 41 -29.46 -18.07 18.45
CA CYS E 41 -28.83 -16.78 18.73
C CYS E 41 -29.33 -16.16 20.03
N GLU E 42 -30.57 -16.46 20.42
CA GLU E 42 -31.14 -15.92 21.65
C GLU E 42 -30.76 -16.74 22.87
N ALA E 43 -30.49 -18.04 22.71
CA ALA E 43 -30.13 -18.87 23.86
C ALA E 43 -28.71 -18.60 24.32
N HIS E 44 -27.78 -18.40 23.39
CA HIS E 44 -26.37 -18.17 23.71
C HIS E 44 -26.02 -16.70 23.84
N ALA E 45 -26.99 -15.84 24.14
CA ALA E 45 -26.73 -14.41 24.24
C ALA E 45 -26.01 -14.02 25.53
N LYS E 46 -25.97 -14.91 26.51
CA LYS E 46 -25.36 -14.59 27.80
C LYS E 46 -23.84 -14.73 27.79
N GLU E 47 -23.29 -15.66 27.01
CA GLU E 47 -21.87 -15.96 27.01
C GLU E 47 -21.14 -15.36 25.80
N ASP E 48 -21.58 -14.19 25.33
CA ASP E 48 -20.92 -13.51 24.22
C ASP E 48 -20.19 -12.29 24.75
N PRO E 49 -18.84 -12.32 24.84
CA PRO E 49 -18.13 -11.16 25.39
C PRO E 49 -18.06 -9.97 24.45
N LEU E 50 -18.40 -10.13 23.18
CA LEU E 50 -18.42 -9.01 22.24
C LEU E 50 -19.75 -8.28 22.23
N LEU E 51 -20.84 -8.99 22.52
CA LEU E 51 -22.16 -8.35 22.56
C LEU E 51 -22.31 -7.53 23.84
N THR E 52 -22.21 -8.18 24.99
CA THR E 52 -22.23 -7.54 26.31
C THR E 52 -20.83 -7.08 26.67
N PRO E 53 -20.64 -5.83 27.09
CA PRO E 53 -19.30 -5.39 27.50
C PRO E 53 -18.85 -6.05 28.79
N VAL E 54 -17.59 -6.47 28.82
CA VAL E 54 -17.03 -7.23 29.94
C VAL E 54 -16.37 -6.28 30.94
N PRO E 55 -16.35 -6.62 32.23
CA PRO E 55 -15.63 -5.78 33.20
C PRO E 55 -14.12 -5.90 33.08
N ALA E 56 -13.39 -5.12 33.87
CA ALA E 56 -11.93 -5.12 33.80
C ALA E 56 -11.33 -6.38 34.43
N SER E 57 -12.07 -7.09 35.27
CA SER E 57 -11.53 -8.28 35.93
C SER E 57 -11.54 -9.47 34.99
N GLU E 58 -12.66 -9.73 34.32
CA GLU E 58 -12.77 -10.89 33.44
C GLU E 58 -12.07 -10.70 32.11
N ASN E 59 -11.73 -9.47 31.75
CA ASN E 59 -11.06 -9.19 30.47
C ASN E 59 -9.56 -9.28 30.66
N PRO E 60 -8.87 -10.22 30.01
CA PRO E 60 -7.41 -10.34 30.18
C PRO E 60 -6.60 -9.41 29.31
N PHE E 61 -7.23 -8.61 28.44
CA PHE E 61 -6.51 -7.74 27.53
C PHE E 61 -6.35 -6.32 28.06
N ARG E 62 -6.88 -6.01 29.24
CA ARG E 62 -6.69 -4.70 29.83
C ARG E 62 -5.57 -4.70 30.85
N GLN F 3 -28.64 -15.95 -9.99
CA GLN F 3 -27.58 -16.63 -10.74
C GLN F 3 -27.19 -15.82 -11.96
N VAL F 4 -25.89 -15.68 -12.19
CA VAL F 4 -25.38 -14.93 -13.34
C VAL F 4 -25.59 -15.74 -14.61
N GLN F 5 -26.32 -15.17 -15.56
CA GLN F 5 -26.59 -15.83 -16.83
C GLN F 5 -26.61 -14.82 -17.96
N LEU F 6 -25.86 -15.13 -19.02
CA LEU F 6 -25.73 -14.30 -20.20
C LEU F 6 -26.15 -15.12 -21.41
N GLN F 7 -27.12 -14.61 -22.18
CA GLN F 7 -27.67 -15.33 -23.32
C GLN F 7 -27.42 -14.55 -24.60
N GLU F 8 -26.85 -15.20 -25.59
CA GLU F 8 -26.57 -14.60 -26.88
C GLU F 8 -27.66 -14.95 -27.89
N SER F 9 -27.89 -14.05 -28.84
CA SER F 9 -28.88 -14.27 -29.88
C SER F 9 -28.41 -13.61 -31.17
N GLY F 10 -28.65 -14.29 -32.28
CA GLY F 10 -28.24 -13.83 -33.59
C GLY F 10 -27.10 -14.67 -34.15
N GLY F 11 -26.99 -14.70 -35.46
CA GLY F 11 -25.93 -15.42 -36.13
C GLY F 11 -26.43 -16.01 -37.45
N GLY F 12 -26.02 -17.25 -37.70
CA GLY F 12 -26.40 -17.96 -38.90
C GLY F 12 -25.49 -17.65 -40.07
N LEU F 13 -25.53 -18.55 -41.06
CA LEU F 13 -24.73 -18.40 -42.27
C LEU F 13 -25.35 -17.33 -43.17
N VAL F 14 -24.60 -16.24 -43.38
CA VAL F 14 -25.07 -15.14 -44.21
C VAL F 14 -24.11 -14.93 -45.38
N GLN F 15 -24.45 -14.00 -46.27
CA GLN F 15 -23.61 -13.65 -47.39
C GLN F 15 -22.45 -12.76 -46.94
N PRO F 16 -21.29 -12.85 -47.61
CA PRO F 16 -20.18 -11.96 -47.25
C PRO F 16 -20.45 -10.53 -47.68
N GLY F 17 -20.09 -9.59 -46.81
CA GLY F 17 -20.33 -8.19 -47.03
C GLY F 17 -21.63 -7.66 -46.44
N GLY F 18 -22.47 -8.52 -45.87
CA GLY F 18 -23.73 -8.11 -45.30
C GLY F 18 -23.61 -7.67 -43.86
N SER F 19 -24.75 -7.34 -43.26
CA SER F 19 -24.83 -6.88 -41.89
C SER F 19 -25.49 -7.94 -41.00
N LEU F 20 -25.30 -7.78 -39.70
CA LEU F 20 -25.88 -8.69 -38.71
C LEU F 20 -25.96 -7.94 -37.39
N ARG F 21 -26.83 -8.42 -36.51
CA ARG F 21 -27.03 -7.77 -35.21
C ARG F 21 -27.09 -8.84 -34.13
N LEU F 22 -26.15 -8.77 -33.18
CA LEU F 22 -26.13 -9.69 -32.06
C LEU F 22 -26.70 -9.03 -30.81
N SER F 23 -27.46 -9.81 -30.05
CA SER F 23 -28.05 -9.35 -28.81
C SER F 23 -27.54 -10.21 -27.66
N CYS F 24 -27.36 -9.57 -26.51
CA CYS F 24 -26.87 -10.23 -25.30
C CYS F 24 -27.78 -9.82 -24.15
N ALA F 25 -28.49 -10.80 -23.58
CA ALA F 25 -29.40 -10.58 -22.47
C ALA F 25 -28.73 -11.02 -21.18
N ALA F 26 -28.73 -10.13 -20.19
CA ALA F 26 -28.08 -10.37 -18.91
C ALA F 26 -29.13 -10.57 -17.83
N SER F 27 -28.86 -11.48 -16.89
CA SER F 27 -29.77 -11.68 -15.77
C SER F 27 -28.97 -12.20 -14.58
N GLY F 28 -29.26 -11.64 -13.40
CA GLY F 28 -28.65 -12.09 -12.17
C GLY F 28 -27.74 -11.09 -11.49
N PHE F 29 -27.61 -9.87 -12.03
CA PHE F 29 -26.74 -8.86 -11.46
C PHE F 29 -27.24 -7.48 -11.87
N THR F 30 -26.56 -6.44 -11.39
CA THR F 30 -26.86 -5.07 -11.77
C THR F 30 -26.08 -4.75 -13.04
N PHE F 31 -26.80 -4.33 -14.08
CA PHE F 31 -26.21 -4.16 -15.40
C PHE F 31 -25.39 -2.87 -15.50
N SER F 32 -25.74 -1.85 -14.73
CA SER F 32 -25.15 -0.52 -14.87
C SER F 32 -23.85 -0.35 -14.09
N ASN F 33 -23.31 -1.42 -13.49
CA ASN F 33 -22.08 -1.32 -12.72
C ASN F 33 -20.86 -1.91 -13.39
N TYR F 34 -21.04 -2.79 -14.38
CA TYR F 34 -19.94 -3.56 -14.95
C TYR F 34 -19.64 -3.09 -16.37
N LYS F 35 -18.36 -2.88 -16.66
CA LYS F 35 -17.92 -2.66 -18.03
C LYS F 35 -17.93 -3.99 -18.78
N MET F 36 -18.46 -3.98 -20.01
CA MET F 36 -18.66 -5.23 -20.72
C MET F 36 -17.85 -5.29 -22.02
N ASN F 37 -17.66 -6.52 -22.49
CA ASN F 37 -16.73 -6.83 -23.56
C ASN F 37 -17.40 -7.76 -24.57
N TRP F 38 -16.97 -7.66 -25.82
CA TRP F 38 -17.20 -8.68 -26.83
C TRP F 38 -15.87 -9.29 -27.23
N VAL F 39 -15.80 -10.63 -27.19
CA VAL F 39 -14.57 -11.39 -27.42
C VAL F 39 -14.90 -12.56 -28.35
N ARG F 40 -14.14 -12.73 -29.43
CA ARG F 40 -14.37 -13.83 -30.34
C ARG F 40 -13.31 -14.91 -30.24
N GLN F 41 -13.66 -16.10 -30.70
CA GLN F 41 -12.76 -17.25 -30.77
C GLN F 41 -12.90 -17.88 -32.14
N ALA F 42 -11.82 -17.85 -32.91
CA ALA F 42 -11.81 -18.44 -34.24
C ALA F 42 -11.64 -19.96 -34.15
N PRO F 43 -12.17 -20.71 -35.12
CA PRO F 43 -11.93 -22.15 -35.16
C PRO F 43 -10.48 -22.45 -35.50
N GLY F 44 -9.84 -23.27 -34.66
CA GLY F 44 -8.44 -23.60 -34.83
C GLY F 44 -7.47 -22.59 -34.24
N LYS F 45 -7.97 -21.51 -33.64
CA LYS F 45 -7.14 -20.49 -33.03
C LYS F 45 -7.67 -20.18 -31.64
N GLY F 46 -6.89 -19.39 -30.89
CA GLY F 46 -7.29 -19.01 -29.55
C GLY F 46 -8.25 -17.84 -29.55
N LEU F 47 -8.61 -17.41 -28.34
CA LEU F 47 -9.53 -16.29 -28.18
C LEU F 47 -8.82 -14.97 -28.43
N GLU F 48 -9.55 -14.02 -29.02
CA GLU F 48 -9.04 -12.69 -29.27
C GLU F 48 -10.11 -11.65 -28.94
N TRP F 49 -9.67 -10.55 -28.36
CA TRP F 49 -10.55 -9.49 -27.89
C TRP F 49 -11.04 -8.62 -29.04
N VAL F 50 -12.35 -8.38 -29.09
CA VAL F 50 -12.92 -7.59 -30.17
C VAL F 50 -13.16 -6.14 -29.71
N SER F 51 -14.05 -5.95 -28.74
CA SER F 51 -14.42 -4.58 -28.39
C SER F 51 -14.91 -4.50 -26.95
N ASP F 52 -15.11 -3.28 -26.46
CA ASP F 52 -15.68 -3.09 -25.14
C ASP F 52 -16.42 -1.76 -25.03
N ILE F 53 -17.41 -1.75 -24.13
CA ILE F 53 -18.15 -0.54 -23.76
C ILE F 53 -18.16 -0.43 -22.24
N SER F 54 -18.08 0.79 -21.74
CA SER F 54 -17.96 1.07 -20.31
C SER F 54 -19.34 1.05 -19.65
N GLN F 55 -19.40 1.55 -18.41
CA GLN F 55 -20.65 1.51 -17.65
C GLN F 55 -21.65 2.53 -18.18
N SER F 56 -21.21 3.78 -18.33
CA SER F 56 -22.10 4.82 -18.82
C SER F 56 -22.30 4.74 -20.33
N GLY F 57 -21.30 4.29 -21.07
CA GLY F 57 -21.37 4.22 -22.51
C GLY F 57 -20.56 5.27 -23.23
N ALA F 58 -19.75 6.06 -22.51
CA ALA F 58 -18.96 7.11 -23.15
C ALA F 58 -17.68 6.54 -23.74
N SER F 59 -16.96 5.72 -22.98
CA SER F 59 -15.70 5.15 -23.42
C SER F 59 -15.99 3.86 -24.18
N ILE F 60 -15.86 3.89 -25.50
CA ILE F 60 -16.11 2.76 -26.38
C ILE F 60 -14.81 2.49 -27.14
N SER F 61 -14.30 1.26 -27.03
CA SER F 61 -13.04 0.95 -27.71
C SER F 61 -13.17 -0.33 -28.52
N TYR F 62 -12.38 -0.41 -29.59
CA TYR F 62 -12.40 -1.50 -30.54
C TYR F 62 -10.99 -2.01 -30.77
N THR F 63 -10.90 -3.20 -31.36
CA THR F 63 -9.64 -3.68 -31.91
C THR F 63 -9.41 -2.99 -33.26
N GLY F 64 -8.14 -2.92 -33.68
CA GLY F 64 -7.83 -2.26 -34.94
C GLY F 64 -8.34 -3.01 -36.16
N SER F 65 -8.46 -4.34 -36.06
CA SER F 65 -8.99 -5.11 -37.18
C SER F 65 -10.49 -4.96 -37.36
N VAL F 66 -11.19 -4.41 -36.36
CA VAL F 66 -12.63 -4.22 -36.41
C VAL F 66 -13.01 -2.75 -36.25
N LYS F 67 -12.09 -1.84 -36.53
CA LYS F 67 -12.33 -0.42 -36.34
C LYS F 67 -13.17 0.15 -37.47
N GLY F 68 -14.25 0.85 -37.11
CA GLY F 68 -15.11 1.50 -38.07
C GLY F 68 -16.18 0.62 -38.70
N ARG F 69 -16.22 -0.67 -38.36
CA ARG F 69 -17.17 -1.61 -38.93
C ARG F 69 -18.07 -2.27 -37.89
N PHE F 70 -17.83 -2.05 -36.61
CA PHE F 70 -18.61 -2.60 -35.51
C PHE F 70 -19.18 -1.48 -34.66
N THR F 71 -20.37 -1.72 -34.11
CA THR F 71 -21.03 -0.74 -33.26
C THR F 71 -21.56 -1.45 -32.02
N ILE F 72 -20.95 -1.18 -30.87
CA ILE F 72 -21.33 -1.79 -29.61
C ILE F 72 -22.11 -0.77 -28.78
N SER F 73 -23.30 -1.17 -28.34
CA SER F 73 -24.13 -0.30 -27.53
C SER F 73 -24.78 -1.12 -26.41
N ARG F 74 -25.34 -0.43 -25.43
CA ARG F 74 -25.93 -1.09 -24.28
C ARG F 74 -27.17 -0.32 -23.84
N ASP F 75 -28.14 -1.05 -23.29
CA ASP F 75 -29.36 -0.48 -22.73
C ASP F 75 -29.46 -0.92 -21.28
N ASN F 76 -29.32 0.05 -20.36
CA ASN F 76 -29.37 -0.25 -18.94
C ASN F 76 -30.80 -0.50 -18.47
N ALA F 77 -31.76 0.27 -19.00
CA ALA F 77 -33.16 0.07 -18.63
C ALA F 77 -33.71 -1.21 -19.24
N LYS F 78 -33.43 -1.45 -20.52
CA LYS F 78 -33.86 -2.67 -21.18
C LYS F 78 -32.97 -3.86 -20.86
N ASN F 79 -31.81 -3.62 -20.22
CA ASN F 79 -30.91 -4.64 -19.67
C ASN F 79 -30.40 -5.56 -20.79
N THR F 80 -29.71 -4.96 -21.76
CA THR F 80 -29.25 -5.72 -22.92
C THR F 80 -28.02 -5.07 -23.54
N LEU F 81 -27.34 -5.84 -24.39
CA LEU F 81 -26.11 -5.41 -25.05
C LEU F 81 -26.21 -5.74 -26.54
N TYR F 82 -26.14 -4.71 -27.40
CA TYR F 82 -26.28 -4.90 -28.83
C TYR F 82 -24.95 -4.70 -29.55
N LEU F 83 -24.76 -5.45 -30.64
CA LEU F 83 -23.58 -5.31 -31.48
C LEU F 83 -24.02 -5.37 -32.94
N GLN F 84 -23.89 -4.24 -33.64
CA GLN F 84 -24.21 -4.13 -35.07
C GLN F 84 -22.94 -4.31 -35.88
N MET F 85 -22.94 -5.27 -36.80
CA MET F 85 -21.78 -5.60 -37.62
C MET F 85 -22.13 -5.50 -39.12
N ASN F 86 -21.75 -4.38 -39.73
CA ASN F 86 -21.89 -4.21 -41.17
C ASN F 86 -20.54 -4.30 -41.86
N SER F 87 -20.59 -4.61 -43.16
CA SER F 87 -19.42 -4.77 -44.03
C SER F 87 -18.46 -5.84 -43.50
N LEU F 88 -18.96 -7.08 -43.44
CA LEU F 88 -18.21 -8.18 -42.87
C LEU F 88 -17.16 -8.70 -43.87
N LYS F 89 -16.37 -9.65 -43.41
CA LYS F 89 -15.31 -10.29 -44.17
C LYS F 89 -15.37 -11.79 -43.89
N PRO F 90 -14.84 -12.62 -44.80
CA PRO F 90 -14.79 -14.07 -44.52
C PRO F 90 -13.80 -14.49 -43.44
N GLU F 91 -13.03 -13.56 -42.85
CA GLU F 91 -12.14 -13.89 -41.75
C GLU F 91 -12.86 -13.86 -40.41
N ASP F 92 -14.04 -13.25 -40.35
CA ASP F 92 -14.75 -13.02 -39.10
C ASP F 92 -15.62 -14.20 -38.67
N THR F 93 -15.49 -15.36 -39.31
CA THR F 93 -16.26 -16.52 -38.91
C THR F 93 -15.71 -17.11 -37.61
N ALA F 94 -16.46 -16.96 -36.53
CA ALA F 94 -15.96 -17.30 -35.21
C ALA F 94 -17.13 -17.50 -34.26
N VAL F 95 -16.81 -17.93 -33.04
CA VAL F 95 -17.78 -18.00 -31.96
C VAL F 95 -17.62 -16.74 -31.11
N TYR F 96 -18.69 -15.97 -31.01
CA TYR F 96 -18.63 -14.69 -30.32
C TYR F 96 -19.21 -14.82 -28.92
N TYR F 97 -18.63 -14.07 -27.98
CA TYR F 97 -19.03 -14.10 -26.58
C TYR F 97 -19.20 -12.67 -26.08
N CYS F 98 -20.23 -12.45 -25.27
CA CYS F 98 -20.41 -11.22 -24.51
C CYS F 98 -19.98 -11.50 -23.06
N ALA F 99 -18.88 -10.87 -22.65
CA ALA F 99 -18.25 -11.14 -21.36
C ALA F 99 -18.39 -9.95 -20.43
N ARG F 100 -18.36 -10.25 -19.13
CA ARG F 100 -18.48 -9.26 -18.08
C ARG F 100 -17.20 -9.22 -17.28
N CYS F 101 -16.70 -8.01 -17.02
CA CYS F 101 -15.55 -7.84 -16.15
C CYS F 101 -15.91 -8.20 -14.72
N PRO F 102 -15.00 -8.84 -13.96
CA PRO F 102 -15.40 -9.43 -12.68
C PRO F 102 -15.61 -8.43 -11.56
N ALA F 103 -15.05 -7.22 -11.65
CA ALA F 103 -15.20 -6.29 -10.55
C ALA F 103 -16.00 -5.06 -10.99
N PRO F 104 -16.89 -4.54 -10.14
CA PRO F 104 -17.61 -3.31 -10.46
C PRO F 104 -16.85 -2.07 -10.05
N PHE F 105 -17.25 -0.95 -10.67
CA PHE F 105 -16.74 0.40 -10.36
C PHE F 105 -15.23 0.52 -10.54
N THR F 106 -14.72 -0.14 -11.57
CA THR F 106 -13.29 -0.14 -11.84
C THR F 106 -13.07 -0.12 -13.35
N ARG F 107 -11.80 0.02 -13.75
CA ARG F 107 -11.42 0.08 -15.15
C ARG F 107 -10.65 -1.14 -15.62
N ASP F 108 -9.95 -1.84 -14.72
CA ASP F 108 -9.15 -2.99 -15.11
C ASP F 108 -10.01 -4.21 -15.36
N CYS F 109 -9.63 -4.99 -16.38
CA CYS F 109 -10.30 -6.25 -16.71
C CYS F 109 -9.21 -7.24 -17.08
N PHE F 110 -8.89 -8.14 -16.14
CA PHE F 110 -7.73 -9.02 -16.31
C PHE F 110 -8.04 -10.22 -17.19
N ASP F 111 -8.98 -11.05 -16.77
CA ASP F 111 -9.12 -12.41 -17.29
C ASP F 111 -10.29 -12.55 -18.26
N VAL F 112 -10.53 -11.54 -19.08
CA VAL F 112 -11.61 -11.62 -20.06
C VAL F 112 -11.26 -12.57 -21.20
N THR F 113 -10.07 -12.41 -21.77
CA THR F 113 -9.61 -13.27 -22.86
C THR F 113 -8.77 -14.37 -22.24
N SER F 114 -9.46 -15.37 -21.68
CA SER F 114 -8.82 -16.51 -21.06
C SER F 114 -9.54 -17.78 -21.50
N THR F 115 -8.96 -18.93 -21.14
CA THR F 115 -9.52 -20.21 -21.56
C THR F 115 -10.77 -20.57 -20.76
N THR F 116 -10.66 -20.57 -19.43
CA THR F 116 -11.76 -20.96 -18.55
C THR F 116 -12.20 -19.76 -17.74
N TYR F 117 -13.12 -18.97 -18.31
CA TYR F 117 -13.71 -17.82 -17.63
C TYR F 117 -15.21 -18.05 -17.53
N ALA F 118 -15.74 -17.90 -16.31
CA ALA F 118 -17.10 -18.31 -16.00
C ALA F 118 -18.14 -17.19 -16.12
N TYR F 119 -17.72 -15.95 -16.34
CA TYR F 119 -18.65 -14.82 -16.37
C TYR F 119 -18.97 -14.41 -17.80
N ARG F 120 -19.06 -15.40 -18.71
CA ARG F 120 -19.42 -15.16 -20.09
C ARG F 120 -20.39 -16.24 -20.54
N GLY F 121 -21.20 -15.90 -21.54
CA GLY F 121 -22.23 -16.81 -22.03
C GLY F 121 -21.68 -17.92 -22.91
N GLN F 122 -22.60 -18.72 -23.45
CA GLN F 122 -22.24 -19.85 -24.29
C GLN F 122 -21.78 -19.41 -25.69
N GLY F 123 -22.08 -18.18 -26.09
CA GLY F 123 -21.61 -17.66 -27.36
C GLY F 123 -22.47 -18.09 -28.53
N THR F 124 -22.25 -17.43 -29.67
CA THR F 124 -22.99 -17.72 -30.88
C THR F 124 -22.04 -17.89 -32.06
N GLN F 125 -22.42 -18.78 -32.98
CA GLN F 125 -21.62 -19.08 -34.15
C GLN F 125 -21.97 -18.13 -35.29
N VAL F 126 -20.97 -17.41 -35.81
CA VAL F 126 -21.16 -16.55 -36.97
C VAL F 126 -20.24 -17.06 -38.07
N THR F 127 -20.83 -17.49 -39.18
CA THR F 127 -20.08 -18.02 -40.31
C THR F 127 -20.30 -17.13 -41.52
N VAL F 128 -19.21 -16.61 -42.07
CA VAL F 128 -19.29 -15.74 -43.23
C VAL F 128 -18.63 -16.39 -44.44
C1 CLR G . 16.39 34.24 38.26
C2 CLR G . 16.55 35.65 38.84
C3 CLR G . 17.16 35.55 40.23
C4 CLR G . 18.59 35.02 40.09
C5 CLR G . 18.60 33.70 39.33
C6 CLR G . 19.34 32.74 39.79
C7 CLR G . 19.43 31.39 39.13
C8 CLR G . 18.98 31.46 37.66
C9 CLR G . 17.59 32.13 37.65
C10 CLR G . 17.77 33.58 38.09
C11 CLR G . 16.89 32.04 36.30
C12 CLR G . 16.88 30.62 35.74
C13 CLR G . 18.29 30.04 35.67
C14 CLR G . 18.89 30.04 37.11
C15 CLR G . 20.21 29.30 36.93
C16 CLR G . 19.82 28.15 35.96
C17 CLR G . 18.46 28.54 35.31
C18 CLR G . 19.17 30.89 34.73
C19 CLR G . 18.54 34.30 37.00
C20 CLR G . 18.36 28.26 33.80
C21 CLR G . 16.96 27.76 33.45
C22 CLR G . 19.34 27.17 33.32
C23 CLR G . 19.36 27.17 31.79
C24 CLR G . 19.27 25.74 31.27
C25 CLR G . 19.15 25.72 29.74
C26 CLR G . 18.98 24.27 29.26
C27 CLR G . 17.94 26.52 29.29
O1 CLR G . 17.19 36.84 40.84
C1 CLR H . -3.76 16.85 19.47
C2 CLR H . -3.19 15.54 18.92
C3 CLR H . -3.85 15.25 17.58
C4 CLR H . -3.36 16.30 16.58
C5 CLR H . -3.70 17.69 17.10
C6 CLR H . -4.22 18.55 16.27
C7 CLR H . -4.61 19.95 16.65
C8 CLR H . -3.93 20.38 17.96
C9 CLR H . -4.16 19.26 18.99
C10 CLR H . -3.42 18.02 18.53
C11 CLR H . -3.77 19.66 20.41
C12 CLR H . -4.38 21.01 20.81
C13 CLR H . -4.00 22.12 19.82
C14 CLR H . -4.57 21.67 18.44
C15 CLR H . -4.32 22.92 17.57
C16 CLR H . -4.75 24.06 18.54
C17 CLR H . -4.66 23.51 19.99
C18 CLR H . -2.48 22.27 19.74
C19 CLR H . -1.92 18.32 18.63
C20 CLR H . -3.91 24.51 20.91
C21 CLR H . -4.25 24.26 22.39
C22 CLR H . -4.29 25.96 20.62
C23 CLR H . -3.42 26.91 21.44
C24 CLR H . -4.02 28.32 21.44
C25 CLR H . -3.18 29.26 22.31
C26 CLR H . -3.03 28.73 23.73
C27 CLR H . -1.80 29.45 21.68
O1 CLR H . -3.46 13.95 17.13
C1 CLR I . 14.74 51.13 3.99
C2 CLR I . 15.69 52.31 4.16
C3 CLR I . 15.11 53.30 5.18
C4 CLR I . 15.07 52.60 6.55
C5 CLR I . 14.25 51.33 6.44
C6 CLR I . 13.34 51.10 7.33
C7 CLR I . 12.46 49.87 7.33
C8 CLR I . 13.08 48.75 6.50
C9 CLR I . 13.45 49.33 5.14
C10 CLR I . 14.54 50.38 5.30
C11 CLR I . 13.88 48.27 4.12
C12 CLR I . 12.84 47.15 4.01
C13 CLR I . 12.55 46.52 5.37
C14 CLR I . 12.03 47.66 6.31
C15 CLR I . 11.61 46.88 7.57
C16 CLR I . 10.91 45.63 6.95
C17 CLR I . 11.38 45.52 5.48
C18 CLR I . 13.83 45.90 5.96
C19 CLR I . 15.84 49.67 5.68
C20 CLR I . 11.74 44.07 5.05
C21 CLR I . 11.36 43.86 3.58
C22 CLR I . 11.03 43.00 5.89
C23 CLR I . 11.39 41.61 5.36
C24 CLR I . 10.38 40.58 5.84
C25 CLR I . 10.13 39.57 4.71
C26 CLR I . 9.55 40.26 3.48
C27 CLR I . 11.42 38.84 4.34
O1 CLR I . 15.97 54.44 5.25
C1 CLR J . 33.16 28.80 38.44
C2 CLR J . 33.92 29.84 39.28
C3 CLR J . 35.37 29.36 39.47
C4 CLR J . 36.05 29.39 38.09
C5 CLR J . 35.28 28.50 37.14
C6 CLR J . 35.95 27.65 36.42
C7 CLR J . 35.31 26.71 35.43
C8 CLR J . 33.92 27.22 35.03
C9 CLR J . 33.14 27.50 36.31
C10 CLR J . 33.79 28.66 37.05
C11 CLR J . 31.65 27.77 36.05
C12 CLR J . 30.99 26.67 35.20
C13 CLR J . 31.77 26.49 33.89
C14 CLR J . 33.24 26.10 34.24
C15 CLR J . 33.83 25.79 32.86
C16 CLR J . 32.67 25.00 32.18
C17 CLR J . 31.39 25.28 33.01
C18 CLR J . 31.74 27.78 33.07
C19 CLR J . 33.54 29.93 36.24
C20 CLR J . 30.11 25.52 32.19
C21 CLR J . 28.97 24.68 32.81
C22 CLR J . 30.27 25.28 30.68
C23 CLR J . 29.75 23.92 30.17
C24 CLR J . 29.95 23.81 28.66
C25 CLR J . 29.35 22.50 28.13
C26 CLR J . 30.04 21.30 28.81
C27 CLR J . 27.85 22.46 28.40
O1 CLR J . 36.04 30.25 40.36
C1 PLM K . 13.12 57.18 10.99
O1 PLM K . 12.69 57.97 11.87
O2 PLM K . 14.36 57.05 10.81
C2 PLM K . 12.14 56.39 10.14
C3 PLM K . 11.55 55.21 10.91
C4 PLM K . 10.99 54.12 10.00
C5 PLM K . 10.56 52.89 10.79
C6 PLM K . 10.06 51.77 9.88
C7 PLM K . 9.77 50.48 10.65
C8 PLM K . 9.36 49.34 9.73
C9 PLM K . 9.25 48.01 10.48
CA PLM K . 8.50 46.96 9.67
CB PLM K . 8.66 45.55 10.28
CC PLM K . 7.43 44.69 10.07
CD PLM K . 7.62 43.28 10.63
CE PLM K . 6.30 42.60 10.99
CF PLM K . 5.37 42.47 9.80
CG PLM K . 4.19 41.54 10.09
C1 CLR L . 20.37 10.71 24.37
C2 CLR L . 20.19 9.61 23.31
C3 CLR L . 18.74 9.60 22.84
C4 CLR L . 18.47 10.90 22.08
C5 CLR L . 18.75 12.06 23.01
C6 CLR L . 17.85 12.99 23.11
C7 CLR L . 17.98 14.21 23.99
C8 CLR L . 19.43 14.45 24.41
C9 CLR L . 20.03 13.13 24.90
C10 CLR L . 20.04 12.09 23.79
C11 CLR L . 21.43 13.32 25.51
C12 CLR L . 21.40 14.38 26.62
C13 CLR L . 20.84 15.72 26.12
C14 CLR L . 19.40 15.43 25.58
C15 CLR L . 18.87 16.82 25.27
C16 CLR L . 19.34 17.62 26.51
C17 CLR L . 20.53 16.83 27.14
C18 CLR L . 21.71 16.27 24.98
C19 CLR L . 21.15 12.46 22.78
C20 CLR L . 21.73 17.74 27.50
C21 CLR L . 22.51 17.15 28.69
C22 CLR L . 21.27 19.15 27.92
C23 CLR L . 22.45 20.03 28.33
C24 CLR L . 21.93 21.35 28.90
C25 CLR L . 23.10 22.19 29.43
C26 CLR L . 24.04 22.57 28.29
C27 CLR L . 22.56 23.45 30.11
O1 CLR L . 18.53 8.47 21.98
C1 PLM M . -6.00 19.80 8.58
O1 PLM M . -5.51 19.74 7.42
O2 PLM M . -7.04 19.17 8.86
C2 PLM M . -5.32 20.66 9.64
C3 PLM M . -4.24 19.89 10.40
C4 PLM M . -3.80 20.62 11.68
C5 PLM M . -3.27 22.01 11.38
C6 PLM M . -2.91 22.76 12.66
C7 PLM M . -2.34 24.15 12.38
C8 PLM M . -1.91 24.88 13.64
C9 PLM M . -1.16 26.17 13.34
CA PLM M . -0.61 26.85 14.59
CB PLM M . 0.10 28.16 14.28
CC PLM M . -0.82 29.15 13.56
CD PLM M . -0.06 30.36 13.02
CE PLM M . -0.93 31.23 12.12
CF PLM M . -0.10 32.28 11.37
CG PLM M . -0.97 33.09 10.39
C1 PLM N . 45.22 33.97 19.51
O1 PLM N . 46.08 34.04 20.43
O2 PLM N . 45.59 33.79 18.31
C2 PLM N . 43.74 34.11 19.83
C3 PLM N . 43.06 32.77 20.13
C4 PLM N . 42.85 31.93 18.87
C5 PLM N . 42.09 30.64 19.16
C6 PLM N . 41.80 29.85 17.89
C7 PLM N . 40.84 30.61 16.96
C8 PLM N . 40.82 30.02 15.55
C9 PLM N . 40.40 28.55 15.55
CA PLM N . 40.74 27.86 14.23
CB PLM N . 40.36 26.38 14.25
CC PLM N . 39.02 26.12 13.58
CD PLM N . 38.35 24.86 14.11
CE PLM N . 37.57 24.10 13.04
CF PLM N . 38.15 22.71 12.79
CG PLM N . 37.24 21.86 11.91
C1 PLM O . 11.88 6.05 18.26
O1 PLM O . 11.75 5.59 17.10
O2 PLM O . 11.54 5.35 19.25
C2 PLM O . 12.43 7.45 18.48
C3 PLM O . 13.96 7.46 18.64
C4 PLM O . 14.51 8.88 18.77
C5 PLM O . 14.31 9.43 20.18
C6 PLM O . 14.62 10.93 20.27
C7 PLM O . 14.23 11.51 21.63
C8 PLM O . 14.27 13.03 21.65
C9 PLM O . 14.25 13.59 23.07
CA PLM O . 14.25 15.12 23.09
CB PLM O . 14.65 15.67 24.46
CC PLM O . 14.32 17.14 24.62
CD PLM O . 12.81 17.37 24.72
CE PLM O . 12.45 18.84 24.93
CF PLM O . 10.96 19.04 25.21
CG PLM O . 10.60 20.50 25.43
C1 PLM P . 30.51 31.53 44.11
O1 PLM P . 31.16 32.48 44.60
O2 PLM P . 29.83 30.78 44.87
C2 PLM P . 30.55 31.25 42.61
C3 PLM P . 29.55 32.12 41.84
C4 PLM P . 28.52 31.29 41.09
C5 PLM P . 29.16 30.24 40.17
C6 PLM P . 28.13 29.26 39.62
C7 PLM P . 28.79 28.10 38.88
C8 PLM P . 27.80 27.01 38.52
C9 PLM P . 28.48 25.73 38.03
CA PLM P . 27.55 24.53 38.02
CB PLM P . 26.34 24.74 37.10
CC PLM P . 25.82 23.42 36.54
CD PLM P . 26.92 22.65 35.79
CE PLM P . 26.41 21.33 35.22
CF PLM P . 27.55 20.47 34.69
CG PLM P . 27.06 19.18 34.02
C1 PLM Q . 46.17 38.76 13.75
O1 PLM Q . 47.06 38.36 14.56
O2 PLM Q . 45.73 39.94 13.84
C2 PLM Q . 45.65 37.82 12.66
C3 PLM Q . 44.83 36.68 13.25
C4 PLM Q . 44.06 35.92 12.17
C5 PLM Q . 43.26 34.74 12.74
C6 PLM Q . 42.03 34.44 11.90
C7 PLM Q . 41.28 33.18 12.37
C8 PLM Q . 40.10 32.86 11.46
C9 PLM Q . 39.44 31.53 11.79
CA PLM Q . 38.34 31.19 10.80
CB PLM Q . 37.69 29.84 11.08
CC PLM Q . 37.35 29.10 9.80
CD PLM Q . 37.29 27.59 10.01
CE PLM Q . 38.24 26.84 9.07
CF PLM Q . 38.59 25.45 9.60
CG PLM Q . 39.90 24.92 9.00
C1 PLM R . 22.61 51.37 0.68
O1 PLM R . 23.14 52.40 1.14
O2 PLM R . 21.39 51.14 0.87
C2 PLM R . 23.45 50.38 -0.14
C3 PLM R . 24.30 49.47 0.75
C4 PLM R . 25.04 48.42 -0.07
C5 PLM R . 25.81 47.42 0.80
C6 PLM R . 26.34 46.24 -0.01
C7 PLM R . 27.10 45.24 0.84
C8 PLM R . 27.45 43.97 0.08
C9 PLM R . 28.12 42.93 0.97
CA PLM R . 28.28 41.58 0.27
CB PLM R . 28.83 40.51 1.22
CC PLM R . 28.85 39.12 0.58
CD PLM R . 29.39 38.06 1.53
CE PLM R . 29.26 36.65 0.96
CF PLM R . 29.59 35.57 1.99
CG PLM R . 29.41 34.16 1.42
#